data_4JGS
#
_entry.id   4JGS
#
_cell.length_a   99.973
_cell.length_b   148.420
_cell.length_c   58.098
_cell.angle_alpha   90.000
_cell.angle_beta   90.000
_cell.angle_gamma   90.000
#
_symmetry.space_group_name_H-M   'P 21 21 2'
#
loop_
_entity.id
_entity.type
_entity.pdbx_description
1 polymer 'MLV-related proviral Env polyprotein'
2 non-polymer 'CHLORIDE ION'
3 water water
#
_entity_poly.entity_id   1
_entity_poly.type   'polypeptide(L)'
_entity_poly.pdbx_seq_one_letter_code
;SSGLVGSGTALVATKQFEQLQAAIHTDLGALEKSVSALEKSLTSLSEVVLQNRRGLDLLFLKEGGLCAALKEECSFYADH
TGVVRDSMAKLRERLNQRQRLFESG
;
_entity_poly.pdbx_strand_id   A,B,C,D,E,F,G,H,I
#
# COMPACT_ATOMS: atom_id res chain seq x y z
N PHE A 17 17.71 28.52 17.10
CA PHE A 17 16.58 27.65 17.49
C PHE A 17 15.20 28.31 17.19
N GLU A 18 15.11 29.62 17.40
CA GLU A 18 13.89 30.37 17.09
C GLU A 18 13.55 30.23 15.60
N GLN A 19 14.59 30.06 14.79
CA GLN A 19 14.46 29.94 13.34
C GLN A 19 13.81 28.61 13.01
N LEU A 20 14.25 27.59 13.74
CA LEU A 20 13.69 26.25 13.60
C LEU A 20 12.23 26.29 13.94
N GLN A 21 11.91 26.67 15.18
CA GLN A 21 10.51 26.69 15.61
C GLN A 21 9.66 27.54 14.65
N ALA A 22 10.25 28.57 14.04
CA ALA A 22 9.48 29.37 13.08
C ALA A 22 9.17 28.52 11.84
N ALA A 23 10.17 27.79 11.36
CA ALA A 23 9.98 26.92 10.18
C ALA A 23 8.90 25.88 10.44
N ILE A 24 8.96 25.24 11.59
CA ILE A 24 7.93 24.26 11.95
C ILE A 24 6.54 24.92 11.97
N HIS A 25 6.44 26.06 12.67
CA HIS A 25 5.24 26.83 12.71
C HIS A 25 4.62 27.06 11.31
N THR A 26 5.38 27.67 10.41
CA THR A 26 4.96 27.89 9.02
C THR A 26 4.50 26.57 8.36
N ASP A 27 5.29 25.54 8.50
CA ASP A 27 4.88 24.24 7.93
C ASP A 27 3.53 23.72 8.47
N LEU A 28 3.32 23.82 9.78
CA LEU A 28 2.07 23.37 10.40
C LEU A 28 0.89 24.23 9.91
N GLY A 29 1.14 25.53 9.77
CA GLY A 29 0.13 26.42 9.21
C GLY A 29 -0.23 26.08 7.76
N ALA A 30 0.76 25.73 6.95
CA ALA A 30 0.51 25.32 5.59
C ALA A 30 -0.37 24.04 5.56
N LEU A 31 -0.05 23.08 6.43
CA LEU A 31 -0.78 21.83 6.49
C LEU A 31 -2.22 22.06 6.97
N GLU A 32 -2.36 22.93 7.97
CA GLU A 32 -3.69 23.25 8.48
C GLU A 32 -4.52 23.80 7.36
N LYS A 33 -3.99 24.75 6.61
CA LYS A 33 -4.84 25.39 5.61
C LYS A 33 -5.13 24.42 4.44
N SER A 34 -4.16 23.60 4.10
CA SER A 34 -4.35 22.59 3.09
C SER A 34 -5.40 21.56 3.51
N VAL A 35 -5.33 21.06 4.73
CA VAL A 35 -6.37 20.15 5.22
C VAL A 35 -7.75 20.82 5.15
N SER A 36 -7.82 22.07 5.60
CA SER A 36 -9.08 22.79 5.57
C SER A 36 -9.63 23.03 4.18
N ALA A 37 -8.75 23.37 3.24
CA ALA A 37 -9.12 23.47 1.83
C ALA A 37 -9.69 22.15 1.29
N LEU A 38 -9.02 21.04 1.54
CA LEU A 38 -9.53 19.75 1.16
C LEU A 38 -10.91 19.52 1.79
N GLU A 39 -11.05 19.89 3.05
CA GLU A 39 -12.32 19.68 3.73
C GLU A 39 -13.46 20.44 3.03
N LYS A 40 -13.25 21.73 2.74
CA LYS A 40 -14.25 22.53 2.06
C LYS A 40 -14.61 21.87 0.71
N SER A 41 -13.58 21.40 0.03
CA SER A 41 -13.80 20.82 -1.30
C SER A 41 -14.53 19.50 -1.26
N LEU A 42 -14.16 18.64 -0.33
CA LEU A 42 -14.83 17.36 -0.21
C LEU A 42 -16.31 17.60 0.18
N THR A 43 -16.56 18.53 1.09
CA THR A 43 -17.91 18.73 1.54
C THR A 43 -18.73 19.29 0.39
N SER A 44 -18.17 20.20 -0.39
CA SER A 44 -18.85 20.69 -1.58
C SER A 44 -19.13 19.56 -2.59
N LEU A 45 -18.14 18.73 -2.90
CA LEU A 45 -18.33 17.64 -3.87
C LEU A 45 -19.45 16.73 -3.41
N SER A 46 -19.42 16.40 -2.12
CA SER A 46 -20.38 15.49 -1.53
C SER A 46 -21.83 15.94 -1.83
N GLU A 47 -22.06 17.24 -1.93
CA GLU A 47 -23.42 17.75 -2.18
C GLU A 47 -23.83 17.51 -3.62
N VAL A 48 -22.87 17.70 -4.51
CA VAL A 48 -23.06 17.32 -5.91
C VAL A 48 -23.40 15.84 -6.04
N VAL A 49 -22.59 15.00 -5.43
CA VAL A 49 -22.81 13.56 -5.40
C VAL A 49 -24.19 13.19 -4.84
N LEU A 50 -24.57 13.76 -3.71
CA LEU A 50 -25.82 13.38 -3.11
C LEU A 50 -26.98 13.74 -4.02
N GLN A 51 -26.86 14.85 -4.73
CA GLN A 51 -27.90 15.33 -5.62
C GLN A 51 -27.98 14.42 -6.86
N ASN A 52 -26.81 13.99 -7.33
CA ASN A 52 -26.73 12.99 -8.39
C ASN A 52 -27.49 11.76 -7.93
N ARG A 53 -27.22 11.36 -6.70
CA ARG A 53 -27.92 10.22 -6.12
C ARG A 53 -29.43 10.37 -6.10
N ARG A 54 -29.90 11.52 -5.63
CA ARG A 54 -31.33 11.79 -5.62
C ARG A 54 -31.89 11.68 -7.04
N GLY A 55 -31.06 12.04 -8.01
CA GLY A 55 -31.45 11.98 -9.40
C GLY A 55 -31.64 10.53 -9.84
N LEU A 56 -30.68 9.69 -9.47
CA LEU A 56 -30.74 8.30 -9.84
C LEU A 56 -31.90 7.58 -9.10
N ASP A 57 -32.19 7.97 -7.87
CA ASP A 57 -33.35 7.44 -7.13
C ASP A 57 -34.69 7.78 -7.79
N LEU A 58 -34.75 8.93 -8.45
CA LEU A 58 -35.98 9.29 -9.16
C LEU A 58 -36.10 8.48 -10.46
N LEU A 59 -35.00 8.35 -11.19
CA LEU A 59 -34.97 7.55 -12.43
C LEU A 59 -35.31 6.09 -12.19
N PHE A 60 -34.98 5.59 -11.00
CA PHE A 60 -35.28 4.21 -10.63
C PHE A 60 -36.43 4.04 -9.62
N LEU A 61 -37.28 5.06 -9.51
CA LEU A 61 -38.31 5.06 -8.47
C LEU A 61 -39.21 3.82 -8.46
N LYS A 62 -39.69 3.34 -9.61
CA LYS A 62 -40.57 2.17 -9.57
C LYS A 62 -39.85 0.89 -9.13
N GLU A 63 -38.53 0.82 -9.32
CA GLU A 63 -37.81 -0.38 -8.93
C GLU A 63 -37.34 -0.31 -7.50
N GLY A 64 -37.72 0.73 -6.79
CA GLY A 64 -37.38 0.86 -5.40
C GLY A 64 -36.15 1.69 -5.18
N GLY A 65 -35.72 2.42 -6.22
CA GLY A 65 -34.55 3.27 -6.12
C GLY A 65 -33.34 2.66 -6.80
N LEU A 66 -32.22 3.39 -6.79
CA LEU A 66 -31.00 2.96 -7.46
C LEU A 66 -30.49 1.61 -6.94
N CYS A 67 -30.37 1.49 -5.63
CA CYS A 67 -29.71 0.33 -5.06
C CYS A 67 -30.49 -0.97 -5.33
N ALA A 68 -31.80 -0.92 -5.15
CA ALA A 68 -32.65 -2.05 -5.48
C ALA A 68 -32.52 -2.44 -6.97
N ALA A 69 -32.52 -1.46 -7.86
CA ALA A 69 -32.41 -1.73 -9.28
C ALA A 69 -31.05 -2.35 -9.61
N LEU A 70 -29.98 -1.98 -8.89
CA LEU A 70 -28.67 -2.62 -9.11
C LEU A 70 -28.54 -3.96 -8.41
N LYS A 71 -29.51 -4.29 -7.56
CA LYS A 71 -29.41 -5.46 -6.73
C LYS A 71 -28.18 -5.41 -5.81
N GLU A 72 -27.96 -4.26 -5.19
CA GLU A 72 -26.77 -4.06 -4.35
C GLU A 72 -27.13 -3.53 -2.97
N GLU A 73 -26.26 -3.75 -2.00
CA GLU A 73 -26.41 -3.04 -0.74
C GLU A 73 -26.15 -1.58 -1.07
N CYS A 74 -26.79 -0.66 -0.36
CA CYS A 74 -26.68 0.74 -0.70
C CYS A 74 -25.47 1.41 -0.04
N SER A 75 -24.68 2.14 -0.83
CA SER A 75 -23.63 2.99 -0.27
C SER A 75 -24.16 4.34 0.20
N PHE A 76 -23.86 4.66 1.45
CA PHE A 76 -24.14 5.97 2.02
C PHE A 76 -22.84 6.68 2.39
N TYR A 77 -22.87 8.01 2.35
CA TYR A 77 -21.71 8.82 2.73
C TYR A 77 -21.56 8.84 4.25
N ALA A 78 -20.47 8.26 4.76
CA ALA A 78 -20.04 8.41 6.16
C ALA A 78 -19.18 9.68 6.24
N ASP A 79 -19.79 10.73 6.74
CA ASP A 79 -19.22 12.07 6.72
C ASP A 79 -18.52 12.29 8.04
N HIS A 80 -17.19 12.44 7.97
CA HIS A 80 -16.38 12.66 9.18
C HIS A 80 -15.76 14.04 9.18
N THR A 81 -16.34 14.96 8.41
CA THR A 81 -15.68 16.23 8.19
C THR A 81 -15.88 17.19 9.37
N GLY A 82 -16.77 16.87 10.30
CA GLY A 82 -17.01 17.75 11.44
C GLY A 82 -15.83 17.73 12.38
N VAL A 83 -15.29 16.54 12.56
CA VAL A 83 -14.04 16.29 13.26
C VAL A 83 -12.89 17.06 12.64
N VAL A 84 -12.80 17.03 11.32
CA VAL A 84 -11.75 17.80 10.63
C VAL A 84 -11.91 19.31 10.90
N ARG A 85 -13.15 19.81 10.77
CA ARG A 85 -13.44 21.23 11.04
C ARG A 85 -13.10 21.67 12.47
N ASP A 86 -13.56 20.89 13.45
CA ASP A 86 -13.30 21.19 14.86
C ASP A 86 -11.79 21.13 15.14
N SER A 87 -11.17 20.04 14.72
CA SER A 87 -9.76 19.85 14.98
C SER A 87 -8.89 20.95 14.31
N MET A 88 -9.14 21.28 13.04
CA MET A 88 -8.33 22.34 12.41
C MET A 88 -8.59 23.71 13.02
N ALA A 89 -9.83 23.98 13.42
CA ALA A 89 -10.13 25.23 14.07
C ALA A 89 -9.23 25.43 15.32
N LYS A 90 -9.06 24.36 16.11
CA LYS A 90 -8.25 24.43 17.32
C LYS A 90 -6.78 24.61 16.96
N LEU A 91 -6.33 23.90 15.92
CA LEU A 91 -4.97 24.04 15.45
C LEU A 91 -4.67 25.48 15.05
N ARG A 92 -5.63 26.13 14.40
CA ARG A 92 -5.42 27.50 13.93
C ARG A 92 -5.29 28.42 15.15
N GLU A 93 -6.20 28.24 16.10
CA GLU A 93 -6.11 28.91 17.41
C GLU A 93 -4.75 28.74 18.07
N ARG A 94 -4.30 27.50 18.23
CA ARG A 94 -3.03 27.27 18.94
C ARG A 94 -1.88 27.85 18.13
N LEU A 95 -1.94 27.71 16.81
CA LEU A 95 -0.90 28.28 15.96
C LEU A 95 -0.86 29.82 16.06
N ASN A 96 -2.03 30.47 16.00
CA ASN A 96 -2.13 31.93 16.08
C ASN A 96 -1.66 32.49 17.42
N GLN A 97 -2.00 31.80 18.50
CA GLN A 97 -1.54 32.19 19.81
C GLN A 97 -0.04 32.34 19.77
N ARG A 98 0.66 31.23 19.56
CA ARG A 98 2.13 31.25 19.38
C ARG A 98 2.50 32.18 18.22
N LYS B 15 -25.95 -31.16 -15.44
CA LYS B 15 -24.56 -30.94 -15.86
C LYS B 15 -24.05 -29.61 -15.35
N GLN B 16 -24.96 -28.66 -15.16
CA GLN B 16 -24.62 -27.37 -14.60
C GLN B 16 -24.41 -27.57 -13.09
N PHE B 17 -25.11 -28.56 -12.55
CA PHE B 17 -24.98 -28.92 -11.15
C PHE B 17 -23.63 -29.58 -10.96
N GLU B 18 -23.24 -30.39 -11.94
CA GLU B 18 -21.94 -31.02 -11.94
C GLU B 18 -20.88 -29.92 -11.97
N GLN B 19 -21.09 -28.92 -12.84
CA GLN B 19 -20.16 -27.81 -13.00
C GLN B 19 -19.90 -27.02 -11.71
N LEU B 20 -20.97 -26.86 -10.91
CA LEU B 20 -20.92 -26.01 -9.73
C LEU B 20 -20.24 -26.74 -8.58
N GLN B 21 -20.44 -28.06 -8.50
CA GLN B 21 -19.79 -28.84 -7.46
C GLN B 21 -18.27 -28.75 -7.61
N ALA B 22 -17.79 -29.00 -8.81
CA ALA B 22 -16.36 -28.89 -9.11
C ALA B 22 -15.79 -27.52 -8.74
N ALA B 23 -16.56 -26.47 -9.01
CA ALA B 23 -16.07 -25.11 -8.79
C ALA B 23 -16.01 -24.77 -7.30
N ILE B 24 -16.96 -25.28 -6.53
CA ILE B 24 -16.96 -25.08 -5.07
C ILE B 24 -15.86 -25.92 -4.42
N HIS B 25 -15.80 -27.20 -4.77
CA HIS B 25 -14.74 -28.07 -4.29
C HIS B 25 -13.40 -27.41 -4.50
N THR B 26 -13.18 -26.85 -5.69
CA THR B 26 -11.90 -26.20 -5.93
C THR B 26 -11.66 -25.05 -4.95
N ASP B 27 -12.68 -24.23 -4.74
CA ASP B 27 -12.53 -23.05 -3.92
C ASP B 27 -12.43 -23.42 -2.44
N LEU B 28 -13.14 -24.46 -2.03
CA LEU B 28 -13.09 -24.84 -0.64
C LEU B 28 -11.72 -25.41 -0.32
N GLY B 29 -11.09 -26.07 -1.29
CA GLY B 29 -9.78 -26.65 -1.08
C GLY B 29 -8.78 -25.53 -1.04
N ALA B 30 -9.01 -24.52 -1.85
CA ALA B 30 -8.14 -23.37 -1.82
C ALA B 30 -8.16 -22.74 -0.42
N LEU B 31 -9.34 -22.57 0.16
CA LEU B 31 -9.45 -21.94 1.47
C LEU B 31 -8.90 -22.86 2.55
N GLU B 32 -9.19 -24.16 2.44
CA GLU B 32 -8.65 -25.11 3.41
C GLU B 32 -7.15 -25.03 3.42
N LYS B 33 -6.58 -25.01 2.23
CA LYS B 33 -5.13 -24.99 2.09
C LYS B 33 -4.58 -23.67 2.67
N SER B 34 -5.27 -22.58 2.41
CA SER B 34 -4.81 -21.29 2.90
C SER B 34 -4.98 -21.16 4.40
N VAL B 35 -6.10 -21.66 4.91
CA VAL B 35 -6.30 -21.66 6.37
C VAL B 35 -5.19 -22.52 7.05
N SER B 36 -4.85 -23.65 6.46
CA SER B 36 -3.80 -24.52 7.04
C SER B 36 -2.41 -23.90 6.99
N ALA B 37 -2.07 -23.25 5.88
CA ALA B 37 -0.78 -22.57 5.79
C ALA B 37 -0.67 -21.42 6.81
N LEU B 38 -1.75 -20.65 6.98
CA LEU B 38 -1.79 -19.60 8.00
C LEU B 38 -1.52 -20.21 9.40
N GLU B 39 -2.06 -21.40 9.61
CA GLU B 39 -1.95 -22.05 10.92
C GLU B 39 -0.52 -22.44 11.20
N LYS B 40 0.15 -22.97 10.19
CA LYS B 40 1.54 -23.40 10.32
C LYS B 40 2.43 -22.20 10.59
N SER B 41 2.11 -21.08 9.99
CA SER B 41 2.94 -19.86 10.13
C SER B 41 2.76 -19.18 11.46
N LEU B 42 1.51 -19.08 11.89
CA LEU B 42 1.16 -18.49 13.17
C LEU B 42 1.77 -19.30 14.31
N THR B 43 1.58 -20.62 14.28
CA THR B 43 2.18 -21.49 15.28
C THR B 43 3.70 -21.34 15.35
N SER B 44 4.33 -21.35 14.18
CA SER B 44 5.78 -21.16 14.09
C SER B 44 6.21 -19.78 14.60
N LEU B 45 5.49 -18.74 14.21
CA LEU B 45 5.79 -17.40 14.70
C LEU B 45 5.65 -17.39 16.23
N SER B 46 4.66 -18.09 16.74
CA SER B 46 4.39 -18.04 18.17
C SER B 46 5.61 -18.56 18.95
N GLU B 47 6.38 -19.47 18.38
CA GLU B 47 7.54 -20.04 19.09
C GLU B 47 8.70 -19.07 19.08
N VAL B 48 8.79 -18.31 18.01
CA VAL B 48 9.76 -17.22 18.02
C VAL B 48 9.42 -16.18 19.12
N VAL B 49 8.15 -15.79 19.18
CA VAL B 49 7.69 -14.76 20.10
C VAL B 49 7.90 -15.15 21.57
N LEU B 50 7.54 -16.38 21.89
CA LEU B 50 7.70 -16.88 23.24
C LEU B 50 9.18 -17.01 23.61
N GLN B 51 10.03 -17.31 22.64
CA GLN B 51 11.46 -17.34 22.91
C GLN B 51 11.97 -15.92 23.14
N ASN B 52 11.52 -14.97 22.35
CA ASN B 52 11.77 -13.56 22.59
C ASN B 52 11.35 -13.19 24.01
N ARG B 53 10.17 -13.62 24.42
CA ARG B 53 9.71 -13.28 25.76
C ARG B 53 10.64 -13.87 26.80
N ARG B 54 11.14 -15.07 26.55
CA ARG B 54 12.11 -15.67 27.44
C ARG B 54 13.40 -14.82 27.55
N GLY B 55 13.86 -14.26 26.44
CA GLY B 55 14.98 -13.33 26.47
C GLY B 55 14.66 -12.10 27.33
N LEU B 56 13.48 -11.53 27.14
CA LEU B 56 13.14 -10.35 27.90
C LEU B 56 12.96 -10.64 29.40
N ASP B 57 12.44 -11.84 29.75
CA ASP B 57 12.25 -12.20 31.15
C ASP B 57 13.61 -12.33 31.83
N LEU B 58 14.59 -12.78 31.06
CA LEU B 58 15.95 -12.91 31.55
C LEU B 58 16.59 -11.51 31.76
N LEU B 59 16.47 -10.64 30.76
CA LEU B 59 17.05 -9.29 30.83
C LEU B 59 16.45 -8.49 31.99
N PHE B 60 15.19 -8.77 32.32
CA PHE B 60 14.50 -8.08 33.42
C PHE B 60 14.37 -8.96 34.68
N LEU B 61 15.30 -9.90 34.87
CA LEU B 61 15.22 -10.84 35.99
C LEU B 61 15.18 -10.15 37.37
N LYS B 62 16.15 -9.27 37.65
CA LYS B 62 16.16 -8.38 38.82
C LYS B 62 14.77 -7.92 39.19
N GLU B 63 14.10 -7.30 38.20
CA GLU B 63 12.77 -6.74 38.42
C GLU B 63 11.61 -7.77 38.56
N GLY B 64 11.86 -9.04 38.30
CA GLY B 64 10.79 -10.04 38.39
C GLY B 64 10.26 -10.38 37.00
N GLY B 65 10.92 -9.82 36.00
CA GLY B 65 10.60 -10.12 34.61
C GLY B 65 10.05 -8.90 33.88
N LEU B 66 9.71 -9.11 32.61
CA LEU B 66 9.29 -8.05 31.71
C LEU B 66 8.07 -7.32 32.19
N CYS B 67 7.00 -8.07 32.51
CA CYS B 67 5.72 -7.49 32.87
C CYS B 67 5.83 -6.69 34.16
N ALA B 68 6.56 -7.24 35.12
CA ALA B 68 6.85 -6.52 36.37
C ALA B 68 7.63 -5.23 36.11
N ALA B 69 8.57 -5.29 35.17
CA ALA B 69 9.42 -4.13 34.88
C ALA B 69 8.67 -3.03 34.14
N LEU B 70 7.69 -3.44 33.34
CA LEU B 70 6.88 -2.51 32.57
C LEU B 70 5.72 -2.01 33.43
N LYS B 71 5.52 -2.69 34.55
CA LYS B 71 4.41 -2.43 35.44
C LYS B 71 3.10 -2.59 34.68
N GLU B 72 2.96 -3.67 33.92
CA GLU B 72 1.71 -3.95 33.21
C GLU B 72 1.12 -5.28 33.62
N GLU B 73 -0.17 -5.42 33.46
CA GLU B 73 -0.77 -6.75 33.34
C GLU B 73 -0.03 -7.51 32.25
N CYS B 74 0.20 -8.78 32.50
CA CYS B 74 1.03 -9.59 31.60
C CYS B 74 0.25 -10.25 30.45
N SER B 75 0.74 -10.14 29.23
CA SER B 75 0.07 -10.76 28.10
C SER B 75 0.60 -12.17 27.86
N PHE B 76 -0.31 -13.12 27.75
CA PHE B 76 0.06 -14.49 27.46
C PHE B 76 -0.61 -14.91 26.14
N TYR B 77 -0.01 -15.91 25.48
CA TYR B 77 -0.52 -16.42 24.22
C TYR B 77 -1.66 -17.41 24.44
N ALA B 78 -2.88 -16.98 24.09
CA ALA B 78 -4.08 -17.85 24.08
C ALA B 78 -4.14 -18.57 22.74
N ASP B 79 -3.86 -19.86 22.76
CA ASP B 79 -3.62 -20.59 21.53
C ASP B 79 -4.84 -21.43 21.17
N HIS B 80 -5.50 -21.05 20.08
CA HIS B 80 -6.72 -21.75 19.61
C HIS B 80 -6.53 -22.56 18.35
N THR B 81 -5.28 -22.79 17.97
CA THR B 81 -4.97 -23.34 16.67
C THR B 81 -5.27 -24.83 16.59
N GLY B 82 -5.45 -25.49 17.71
CA GLY B 82 -5.91 -26.89 17.71
C GLY B 82 -7.29 -27.04 17.08
N VAL B 83 -8.14 -26.05 17.30
CA VAL B 83 -9.44 -26.02 16.64
C VAL B 83 -9.24 -26.07 15.12
N VAL B 84 -8.28 -25.29 14.65
CA VAL B 84 -8.04 -25.15 13.24
C VAL B 84 -7.48 -26.43 12.67
N ARG B 85 -6.48 -26.98 13.33
CA ARG B 85 -5.86 -28.20 12.84
C ARG B 85 -6.91 -29.31 12.75
N ASP B 86 -7.69 -29.52 13.82
CA ASP B 86 -8.77 -30.54 13.78
C ASP B 86 -9.79 -30.30 12.65
N SER B 87 -10.27 -29.07 12.56
CA SER B 87 -11.32 -28.75 11.63
C SER B 87 -10.87 -28.91 10.17
N MET B 88 -9.64 -28.47 9.88
CA MET B 88 -9.09 -28.55 8.53
C MET B 88 -8.67 -30.01 8.19
N ALA B 89 -8.13 -30.74 9.16
CA ALA B 89 -7.94 -32.19 8.98
C ALA B 89 -9.21 -32.84 8.46
N LYS B 90 -10.35 -32.51 9.07
CA LYS B 90 -11.61 -33.14 8.68
C LYS B 90 -12.06 -32.64 7.31
N LEU B 91 -11.97 -31.33 7.11
CA LEU B 91 -12.36 -30.73 5.82
C LEU B 91 -11.58 -31.39 4.66
N ARG B 92 -10.26 -31.48 4.76
CA ARG B 92 -9.47 -32.18 3.76
C ARG B 92 -9.97 -33.60 3.50
N GLU B 93 -10.38 -34.26 4.56
CA GLU B 93 -10.84 -35.63 4.46
C GLU B 93 -12.14 -35.70 3.65
N ARG B 94 -13.09 -34.81 3.99
CA ARG B 94 -14.36 -34.75 3.23
C ARG B 94 -14.13 -34.33 1.78
N LEU B 95 -13.22 -33.39 1.54
CA LEU B 95 -12.95 -32.91 0.17
C LEU B 95 -12.37 -34.03 -0.71
N ASN B 96 -11.54 -34.90 -0.14
CA ASN B 96 -11.22 -36.18 -0.80
C ASN B 96 -12.36 -37.21 -0.64
N ALA C 13 -15.39 -13.21 -36.53
CA ALA C 13 -14.52 -13.92 -37.47
C ALA C 13 -13.21 -14.35 -36.80
N THR C 14 -12.80 -15.58 -37.08
CA THR C 14 -11.71 -16.26 -36.36
C THR C 14 -10.31 -15.68 -36.69
N LYS C 15 -10.15 -15.12 -37.88
CA LYS C 15 -8.91 -14.45 -38.27
C LYS C 15 -8.75 -13.10 -37.57
N GLN C 16 -9.84 -12.39 -37.30
CA GLN C 16 -9.78 -11.14 -36.52
C GLN C 16 -9.48 -11.44 -35.05
N PHE C 17 -10.02 -12.55 -34.54
CA PHE C 17 -9.78 -12.96 -33.16
C PHE C 17 -8.35 -13.47 -33.03
N GLU C 18 -7.96 -14.33 -33.96
CA GLU C 18 -6.65 -14.95 -33.96
C GLU C 18 -5.52 -13.93 -34.02
N GLN C 19 -5.78 -12.84 -34.77
CA GLN C 19 -4.78 -11.80 -35.04
C GLN C 19 -4.66 -10.89 -33.86
N LEU C 20 -5.79 -10.69 -33.16
CA LEU C 20 -5.77 -9.90 -31.94
C LEU C 20 -4.97 -10.63 -30.84
N GLN C 21 -5.13 -11.95 -30.72
CA GLN C 21 -4.36 -12.72 -29.75
C GLN C 21 -2.89 -12.53 -29.95
N ALA C 22 -2.47 -12.80 -31.18
CA ALA C 22 -1.08 -12.63 -31.57
C ALA C 22 -0.63 -11.23 -31.20
N ALA C 23 -1.41 -10.20 -31.56
CA ALA C 23 -1.00 -8.81 -31.26
C ALA C 23 -0.74 -8.62 -29.78
N ILE C 24 -1.67 -9.12 -28.97
CA ILE C 24 -1.65 -8.93 -27.53
C ILE C 24 -0.51 -9.73 -26.90
N HIS C 25 -0.38 -10.98 -27.31
CA HIS C 25 0.72 -11.82 -26.83
C HIS C 25 2.05 -11.05 -26.96
N THR C 26 2.26 -10.49 -28.15
CA THR C 26 3.43 -9.68 -28.46
C THR C 26 3.59 -8.50 -27.50
N ASP C 27 2.53 -7.76 -27.25
CA ASP C 27 2.66 -6.60 -26.42
C ASP C 27 2.82 -6.99 -24.96
N LEU C 28 2.12 -8.02 -24.51
CA LEU C 28 2.29 -8.45 -23.13
C LEU C 28 3.71 -8.93 -22.90
N GLY C 29 4.25 -9.63 -23.88
CA GLY C 29 5.63 -10.10 -23.81
C GLY C 29 6.61 -8.95 -23.83
N ALA C 30 6.38 -7.95 -24.67
CA ALA C 30 7.26 -6.78 -24.63
C ALA C 30 7.22 -6.14 -23.24
N LEU C 31 6.02 -6.05 -22.66
CA LEU C 31 5.88 -5.39 -21.37
C LEU C 31 6.52 -6.23 -20.29
N GLU C 32 6.34 -7.55 -20.37
CA GLU C 32 6.99 -8.43 -19.38
C GLU C 32 8.51 -8.31 -19.44
N LYS C 33 9.09 -8.38 -20.64
CA LYS C 33 10.55 -8.30 -20.79
C LYS C 33 11.05 -6.98 -20.27
N SER C 34 10.29 -5.92 -20.52
CA SER C 34 10.78 -4.61 -20.10
C SER C 34 10.74 -4.45 -18.57
N VAL C 35 9.70 -5.00 -17.94
CA VAL C 35 9.53 -4.89 -16.51
C VAL C 35 10.63 -5.68 -15.81
N SER C 36 10.88 -6.90 -16.27
CA SER C 36 11.99 -7.74 -15.84
C SER C 36 13.40 -7.12 -15.99
N ALA C 37 13.65 -6.48 -17.11
CA ALA C 37 14.89 -5.75 -17.34
C ALA C 37 15.00 -4.62 -16.33
N LEU C 38 13.93 -3.85 -16.20
CA LEU C 38 13.93 -2.78 -15.23
C LEU C 38 14.26 -3.28 -13.83
N GLU C 39 13.73 -4.43 -13.46
CA GLU C 39 13.89 -5.02 -12.12
C GLU C 39 15.33 -5.45 -11.92
N LYS C 40 15.90 -6.07 -12.94
CA LYS C 40 17.30 -6.47 -12.89
C LYS C 40 18.20 -5.26 -12.69
N SER C 41 17.89 -4.20 -13.42
CA SER C 41 18.63 -2.96 -13.30
C SER C 41 18.46 -2.31 -11.95
N LEU C 42 17.24 -2.28 -11.44
CA LEU C 42 17.02 -1.59 -10.19
C LEU C 42 17.76 -2.36 -9.06
N THR C 43 17.66 -3.69 -9.11
CA THR C 43 18.28 -4.52 -8.09
C THR C 43 19.80 -4.34 -8.12
N SER C 44 20.37 -4.37 -9.31
CA SER C 44 21.80 -4.12 -9.47
C SER C 44 22.23 -2.73 -8.95
N LEU C 45 21.50 -1.68 -9.32
CA LEU C 45 21.78 -0.33 -8.81
C LEU C 45 21.71 -0.30 -7.28
N SER C 46 20.74 -0.98 -6.70
CA SER C 46 20.59 -0.92 -5.25
C SER C 46 21.79 -1.51 -4.54
N GLU C 47 22.44 -2.47 -5.17
CA GLU C 47 23.66 -3.04 -4.60
C GLU C 47 24.79 -2.02 -4.61
N VAL C 48 24.88 -1.24 -5.68
CA VAL C 48 25.85 -0.17 -5.75
C VAL C 48 25.54 0.91 -4.69
N VAL C 49 24.29 1.34 -4.66
CA VAL C 49 23.81 2.30 -3.68
C VAL C 49 24.13 1.89 -2.23
N LEU C 50 23.80 0.63 -1.85
CA LEU C 50 24.03 0.17 -0.46
C LEU C 50 25.53 0.04 -0.14
N GLN C 51 26.32 -0.29 -1.15
CA GLN C 51 27.76 -0.33 -0.96
C GLN C 51 28.29 1.10 -0.77
N ASN C 52 27.69 2.05 -1.48
CA ASN C 52 28.08 3.45 -1.31
C ASN C 52 27.76 3.89 0.15
N ARG C 53 26.64 3.41 0.64
CA ARG C 53 26.15 3.70 2.00
C ARG C 53 27.08 3.08 3.04
N ARG C 54 27.52 1.86 2.80
CA ARG C 54 28.49 1.25 3.67
C ARG C 54 29.76 2.11 3.72
N GLY C 55 30.17 2.67 2.58
CA GLY C 55 31.34 3.53 2.57
C GLY C 55 31.16 4.78 3.42
N LEU C 56 29.99 5.39 3.29
CA LEU C 56 29.71 6.60 4.05
C LEU C 56 29.55 6.33 5.55
N ASP C 57 28.99 5.17 5.93
CA ASP C 57 28.81 4.85 7.33
C ASP C 57 30.20 4.62 7.90
N LEU C 58 31.12 4.11 7.08
CA LEU C 58 32.52 3.96 7.48
C LEU C 58 33.22 5.32 7.68
N LEU C 59 33.05 6.25 6.74
CA LEU C 59 33.62 7.61 6.86
C LEU C 59 33.08 8.38 8.05
N PHE C 60 31.83 8.12 8.44
CA PHE C 60 31.23 8.79 9.59
C PHE C 60 31.13 7.88 10.81
N LEU C 61 32.04 6.90 10.92
CA LEU C 61 31.87 5.89 11.97
C LEU C 61 31.94 6.53 13.36
N LYS C 62 32.79 7.51 13.55
CA LYS C 62 32.87 8.19 14.84
C LYS C 62 31.55 8.80 15.27
N GLU C 63 30.88 9.45 14.32
CA GLU C 63 29.67 10.22 14.63
C GLU C 63 28.42 9.36 14.80
N GLY C 64 28.55 8.06 14.66
CA GLY C 64 27.40 7.21 14.72
C GLY C 64 26.83 6.88 13.36
N GLY C 65 27.53 7.29 12.31
CA GLY C 65 27.07 6.95 10.97
C GLY C 65 26.59 8.15 10.17
N LEU C 66 26.31 7.91 8.91
CA LEU C 66 25.89 8.93 7.98
C LEU C 66 24.70 9.73 8.49
N CYS C 67 23.65 9.04 8.84
CA CYS C 67 22.43 9.69 9.24
C CYS C 67 22.62 10.53 10.50
N ALA C 68 23.34 10.03 11.49
CA ALA C 68 23.64 10.84 12.68
C ALA C 68 24.48 12.07 12.31
N ALA C 69 25.46 11.90 11.41
CA ALA C 69 26.27 13.01 10.97
C ALA C 69 25.42 14.10 10.29
N LEU C 70 24.41 13.67 9.54
CA LEU C 70 23.62 14.59 8.74
C LEU C 70 22.51 15.27 9.57
N LYS C 71 22.32 14.74 10.77
CA LYS C 71 21.26 15.12 11.68
C LYS C 71 19.89 14.90 11.04
N GLU C 72 19.77 13.74 10.38
CA GLU C 72 18.55 13.31 9.69
C GLU C 72 18.19 11.90 10.10
N GLU C 73 16.91 11.58 10.03
CA GLU C 73 16.46 10.22 10.16
C GLU C 73 16.93 9.44 8.95
N CYS C 74 17.27 8.18 9.14
CA CYS C 74 17.85 7.37 8.05
C CYS C 74 16.83 6.99 7.00
N SER C 75 17.16 7.20 5.72
CA SER C 75 16.42 6.58 4.61
C SER C 75 16.96 5.17 4.38
N PHE C 76 16.04 4.24 4.10
CA PHE C 76 16.32 2.82 3.98
C PHE C 76 15.63 2.34 2.69
N TYR C 77 16.22 1.34 2.05
CA TYR C 77 15.71 0.80 0.80
C TYR C 77 14.58 -0.19 1.12
N ALA C 78 13.36 0.17 0.71
CA ALA C 78 12.15 -0.68 0.82
C ALA C 78 12.07 -1.46 -0.46
N ASP C 79 12.54 -2.71 -0.41
CA ASP C 79 12.75 -3.54 -1.60
C ASP C 79 11.50 -4.39 -1.89
N HIS C 80 10.73 -4.01 -2.90
CA HIS C 80 9.52 -4.75 -3.29
C HIS C 80 9.74 -5.54 -4.59
N THR C 81 11.00 -5.66 -5.02
CA THR C 81 11.31 -6.36 -6.25
C THR C 81 11.00 -7.85 -6.26
N GLY C 82 10.92 -8.46 -5.08
CA GLY C 82 10.58 -9.88 -4.99
C GLY C 82 9.23 -10.20 -5.59
N VAL C 83 8.25 -9.38 -5.27
CA VAL C 83 6.95 -9.45 -5.90
C VAL C 83 7.06 -9.33 -7.44
N VAL C 84 7.92 -8.43 -7.91
CA VAL C 84 8.05 -8.20 -9.35
C VAL C 84 8.57 -9.46 -10.02
N ARG C 85 9.65 -10.03 -9.48
CA ARG C 85 10.25 -11.25 -10.02
C ARG C 85 9.27 -12.44 -10.02
N ASP C 86 8.53 -12.63 -8.92
CA ASP C 86 7.59 -13.76 -8.86
C ASP C 86 6.42 -13.50 -9.81
N SER C 87 5.90 -12.28 -9.85
CA SER C 87 4.78 -11.97 -10.76
C SER C 87 5.09 -12.20 -12.23
N MET C 88 6.27 -11.76 -12.65
CA MET C 88 6.68 -11.88 -14.04
C MET C 88 7.11 -13.29 -14.38
N ALA C 89 7.65 -14.02 -13.43
CA ALA C 89 7.92 -15.41 -13.69
C ALA C 89 6.58 -16.09 -14.10
N LYS C 90 5.50 -15.81 -13.37
CA LYS C 90 4.22 -16.46 -13.72
C LYS C 90 3.63 -15.93 -15.01
N LEU C 91 3.77 -14.63 -15.25
CA LEU C 91 3.31 -14.02 -16.50
C LEU C 91 4.03 -14.74 -17.64
N ARG C 92 5.33 -14.92 -17.48
CA ARG C 92 6.13 -15.62 -18.47
C ARG C 92 5.62 -17.03 -18.70
N GLU C 93 5.34 -17.74 -17.62
CA GLU C 93 4.90 -19.14 -17.74
C GLU C 93 3.54 -19.18 -18.45
N ARG C 94 2.65 -18.24 -18.16
CA ARG C 94 1.34 -18.19 -18.80
C ARG C 94 1.41 -17.81 -20.27
N LEU C 95 2.28 -16.86 -20.62
CA LEU C 95 2.43 -16.46 -22.02
C LEU C 95 2.92 -17.65 -22.84
N ASN C 96 3.81 -18.42 -22.24
CA ASN C 96 4.47 -19.54 -22.88
C ASN C 96 3.47 -20.66 -23.13
N GLN C 97 2.67 -20.98 -22.10
CA GLN C 97 1.73 -22.08 -22.21
C GLN C 97 0.64 -21.68 -23.20
N ARG C 98 0.19 -20.43 -23.10
CA ARG C 98 -0.73 -19.90 -24.10
C ARG C 98 -0.13 -20.00 -25.53
N GLN C 99 1.14 -19.69 -25.70
CA GLN C 99 1.72 -19.71 -27.03
C GLN C 99 1.77 -21.13 -27.60
N ARG C 100 1.96 -22.13 -26.74
CA ARG C 100 1.99 -23.54 -27.19
C ARG C 100 0.60 -24.22 -27.26
N ALA D 13 -19.38 -11.67 -32.79
CA ALA D 13 -19.90 -10.59 -31.96
C ALA D 13 -18.96 -9.39 -32.08
N THR D 14 -19.23 -8.51 -33.04
CA THR D 14 -18.22 -7.53 -33.50
C THR D 14 -18.16 -6.19 -32.74
N LYS D 15 -19.30 -5.61 -32.36
CA LYS D 15 -19.27 -4.39 -31.54
C LYS D 15 -18.50 -4.67 -30.25
N GLN D 16 -18.82 -5.79 -29.60
CA GLN D 16 -18.14 -6.23 -28.37
C GLN D 16 -16.63 -6.40 -28.56
N PHE D 17 -16.24 -6.95 -29.72
CA PHE D 17 -14.84 -7.15 -30.09
C PHE D 17 -14.06 -5.83 -30.09
N GLU D 18 -14.71 -4.78 -30.55
CA GLU D 18 -14.08 -3.47 -30.64
C GLU D 18 -13.97 -2.82 -29.26
N GLN D 19 -15.03 -2.90 -28.46
CA GLN D 19 -14.96 -2.46 -27.06
C GLN D 19 -13.74 -3.05 -26.37
N LEU D 20 -13.54 -4.36 -26.59
CA LEU D 20 -12.40 -5.06 -26.04
C LEU D 20 -11.08 -4.49 -26.59
N GLN D 21 -10.95 -4.40 -27.91
CA GLN D 21 -9.73 -3.82 -28.49
C GLN D 21 -9.45 -2.44 -27.88
N ALA D 22 -10.45 -1.59 -27.79
CA ALA D 22 -10.27 -0.24 -27.23
C ALA D 22 -9.84 -0.20 -25.75
N ALA D 23 -10.41 -1.05 -24.89
CA ALA D 23 -10.01 -1.11 -23.48
C ALA D 23 -8.58 -1.61 -23.30
N ILE D 24 -8.28 -2.74 -23.92
CA ILE D 24 -6.91 -3.24 -23.95
C ILE D 24 -5.94 -2.19 -24.50
N HIS D 25 -6.33 -1.45 -25.53
CA HIS D 25 -5.47 -0.42 -26.12
C HIS D 25 -5.11 0.62 -25.07
N THR D 26 -6.12 1.12 -24.37
CA THR D 26 -5.90 2.06 -23.29
C THR D 26 -4.91 1.50 -22.25
N ASP D 27 -5.21 0.31 -21.77
CA ASP D 27 -4.42 -0.30 -20.73
C ASP D 27 -2.99 -0.53 -21.16
N LEU D 28 -2.77 -0.99 -22.39
CA LEU D 28 -1.41 -1.17 -22.90
C LEU D 28 -0.67 0.15 -23.03
N GLY D 29 -1.36 1.20 -23.47
CA GLY D 29 -0.73 2.51 -23.49
C GLY D 29 -0.40 3.04 -22.10
N ALA D 30 -1.25 2.75 -21.13
CA ALA D 30 -0.97 3.12 -19.75
C ALA D 30 0.30 2.43 -19.25
N LEU D 31 0.42 1.14 -19.53
CA LEU D 31 1.61 0.43 -19.08
C LEU D 31 2.86 0.88 -19.84
N GLU D 32 2.77 1.04 -21.17
CA GLU D 32 3.92 1.60 -21.93
C GLU D 32 4.40 2.95 -21.35
N LYS D 33 3.47 3.87 -21.13
CA LYS D 33 3.80 5.18 -20.58
C LYS D 33 4.51 5.09 -19.23
N SER D 34 4.07 4.16 -18.38
CA SER D 34 4.61 4.03 -17.06
C SER D 34 5.99 3.33 -17.05
N VAL D 35 6.11 2.25 -17.82
CA VAL D 35 7.40 1.62 -17.99
C VAL D 35 8.43 2.62 -18.54
N SER D 36 8.06 3.36 -19.58
CA SER D 36 8.98 4.39 -20.12
C SER D 36 9.34 5.48 -19.08
N ALA D 37 8.36 5.92 -18.27
CA ALA D 37 8.62 6.90 -17.22
C ALA D 37 9.57 6.34 -16.13
N LEU D 38 9.37 5.07 -15.72
CA LEU D 38 10.29 4.44 -14.74
C LEU D 38 11.66 4.29 -15.31
N GLU D 39 11.75 3.92 -16.60
CA GLU D 39 13.06 3.82 -17.24
C GLU D 39 13.84 5.16 -17.17
N LYS D 40 13.17 6.28 -17.46
CA LYS D 40 13.87 7.58 -17.48
C LYS D 40 14.37 7.92 -16.09
N SER D 41 13.54 7.65 -15.10
CA SER D 41 13.93 7.88 -13.73
C SER D 41 15.03 6.96 -13.24
N LEU D 42 14.87 5.69 -13.49
CA LEU D 42 15.89 4.76 -13.16
C LEU D 42 17.23 5.17 -13.79
N THR D 43 17.23 5.45 -15.07
CA THR D 43 18.44 5.87 -15.74
C THR D 43 19.06 7.16 -15.15
N SER D 44 18.19 8.17 -15.00
CA SER D 44 18.55 9.39 -14.27
C SER D 44 19.17 9.10 -12.89
N LEU D 45 18.53 8.22 -12.12
CA LEU D 45 19.04 7.93 -10.80
C LEU D 45 20.41 7.23 -10.90
N SER D 46 20.54 6.30 -11.85
CA SER D 46 21.81 5.60 -11.96
C SER D 46 22.95 6.63 -12.13
N GLU D 47 22.70 7.75 -12.78
CA GLU D 47 23.78 8.67 -13.02
C GLU D 47 24.20 9.38 -11.73
N VAL D 48 23.22 9.66 -10.88
CA VAL D 48 23.49 10.27 -9.60
C VAL D 48 24.34 9.31 -8.75
N VAL D 49 23.98 8.03 -8.83
CA VAL D 49 24.59 7.01 -8.02
C VAL D 49 26.04 6.80 -8.43
N LEU D 50 26.27 6.76 -9.73
CA LEU D 50 27.63 6.55 -10.22
C LEU D 50 28.50 7.77 -9.91
N GLN D 51 27.92 8.96 -9.90
CA GLN D 51 28.67 10.14 -9.53
C GLN D 51 29.02 10.10 -8.03
N ASN D 52 28.07 9.60 -7.22
CA ASN D 52 28.33 9.39 -5.79
C ASN D 52 29.51 8.42 -5.65
N ARG D 53 29.50 7.39 -6.48
CA ARG D 53 30.55 6.38 -6.40
C ARG D 53 31.92 7.02 -6.68
N ARG D 54 31.98 7.86 -7.71
CA ARG D 54 33.24 8.50 -8.08
C ARG D 54 33.66 9.41 -6.94
N GLY D 55 32.69 9.98 -6.23
CA GLY D 55 32.99 10.77 -5.04
C GLY D 55 33.66 9.93 -3.95
N LEU D 56 33.14 8.73 -3.71
CA LEU D 56 33.71 7.83 -2.72
C LEU D 56 35.06 7.25 -3.15
N ASP D 57 35.24 6.94 -4.43
CA ASP D 57 36.55 6.50 -4.89
C ASP D 57 37.60 7.62 -4.64
N LEU D 58 37.23 8.87 -4.90
CA LEU D 58 38.15 10.00 -4.64
C LEU D 58 38.45 10.11 -3.14
N LEU D 59 37.42 10.05 -2.31
CA LEU D 59 37.65 10.11 -0.87
C LEU D 59 38.55 8.95 -0.39
N PHE D 60 38.38 7.77 -0.97
CA PHE D 60 39.19 6.63 -0.58
C PHE D 60 40.38 6.40 -1.51
N LEU D 61 40.88 7.48 -2.11
CA LEU D 61 41.91 7.36 -3.14
C LEU D 61 43.16 6.64 -2.64
N LYS D 62 43.70 7.08 -1.51
CA LYS D 62 44.90 6.50 -0.99
C LYS D 62 44.73 5.03 -0.57
N GLU D 63 43.52 4.65 -0.14
CA GLU D 63 43.24 3.27 0.28
C GLU D 63 42.91 2.34 -0.90
N GLY D 64 42.90 2.87 -2.12
CA GLY D 64 42.59 2.05 -3.28
C GLY D 64 41.19 2.26 -3.81
N GLY D 65 40.51 3.25 -3.28
CA GLY D 65 39.12 3.46 -3.66
C GLY D 65 38.20 2.74 -2.72
N LEU D 66 36.90 2.94 -2.94
CA LEU D 66 35.85 2.49 -2.04
C LEU D 66 35.87 1.00 -1.74
N CYS D 67 35.87 0.18 -2.77
CA CYS D 67 35.75 -1.24 -2.60
C CYS D 67 36.94 -1.82 -1.85
N ALA D 68 38.16 -1.37 -2.20
CA ALA D 68 39.37 -1.80 -1.46
C ALA D 68 39.28 -1.40 -0.02
N ALA D 69 38.82 -0.18 0.23
CA ALA D 69 38.78 0.32 1.61
C ALA D 69 37.80 -0.51 2.44
N LEU D 70 36.68 -0.92 1.84
CA LEU D 70 35.68 -1.76 2.50
C LEU D 70 36.09 -3.24 2.47
N LYS D 71 37.07 -3.59 1.64
CA LYS D 71 37.49 -4.99 1.46
C LYS D 71 36.32 -5.89 1.01
N GLU D 72 35.68 -5.47 -0.07
CA GLU D 72 34.44 -6.10 -0.53
C GLU D 72 34.60 -6.29 -2.00
N GLU D 73 33.98 -7.34 -2.53
CA GLU D 73 33.79 -7.44 -3.96
C GLU D 73 33.05 -6.15 -4.38
N CYS D 74 33.44 -5.60 -5.52
CA CYS D 74 32.88 -4.37 -6.03
C CYS D 74 31.58 -4.56 -6.82
N SER D 75 30.52 -3.91 -6.37
CA SER D 75 29.25 -3.87 -7.12
C SER D 75 29.29 -2.88 -8.31
N PHE D 76 28.78 -3.32 -9.47
CA PHE D 76 28.70 -2.46 -10.66
C PHE D 76 27.26 -2.37 -11.15
N TYR D 77 26.92 -1.26 -11.78
CA TYR D 77 25.58 -1.12 -12.33
C TYR D 77 25.45 -1.97 -13.60
N ALA D 78 24.62 -3.01 -13.55
CA ALA D 78 24.30 -3.80 -14.74
C ALA D 78 23.05 -3.20 -15.39
N ASP D 79 23.27 -2.48 -16.49
CA ASP D 79 22.31 -1.58 -17.08
C ASP D 79 21.54 -2.31 -18.15
N HIS D 80 20.26 -2.58 -17.91
CA HIS D 80 19.45 -3.30 -18.90
C HIS D 80 18.39 -2.43 -19.51
N THR D 81 18.61 -1.13 -19.48
CA THR D 81 17.57 -0.18 -19.93
C THR D 81 17.51 0.04 -21.45
N GLY D 82 18.55 -0.39 -22.18
CA GLY D 82 18.52 -0.35 -23.63
C GLY D 82 17.33 -1.14 -24.16
N VAL D 83 17.15 -2.35 -23.63
CA VAL D 83 16.09 -3.21 -24.15
C VAL D 83 14.70 -2.63 -23.83
N VAL D 84 14.58 -1.93 -22.71
CA VAL D 84 13.32 -1.32 -22.32
C VAL D 84 12.99 -0.19 -23.32
N ARG D 85 13.97 0.67 -23.61
CA ARG D 85 13.80 1.79 -24.53
C ARG D 85 13.41 1.31 -25.93
N ASP D 86 14.17 0.34 -26.44
CA ASP D 86 13.84 -0.29 -27.72
C ASP D 86 12.45 -0.95 -27.72
N SER D 87 12.19 -1.79 -26.73
CA SER D 87 10.96 -2.56 -26.76
C SER D 87 9.72 -1.62 -26.62
N MET D 88 9.87 -0.58 -25.81
CA MET D 88 8.76 0.38 -25.61
C MET D 88 8.59 1.35 -26.80
N ALA D 89 9.68 1.76 -27.43
CA ALA D 89 9.58 2.54 -28.66
C ALA D 89 8.78 1.78 -29.72
N LYS D 90 9.00 0.48 -29.84
CA LYS D 90 8.22 -0.34 -30.76
C LYS D 90 6.79 -0.64 -30.28
N LEU D 91 6.58 -0.75 -28.97
CA LEU D 91 5.22 -0.90 -28.47
C LEU D 91 4.36 0.33 -28.87
N ARG D 92 4.90 1.53 -28.61
CA ARG D 92 4.30 2.82 -29.05
C ARG D 92 3.95 2.85 -30.54
N GLU D 93 4.92 2.58 -31.40
CA GLU D 93 4.64 2.54 -32.84
C GLU D 93 3.48 1.55 -33.08
N ARG D 94 3.51 0.36 -32.48
CA ARG D 94 2.44 -0.63 -32.73
C ARG D 94 1.09 -0.14 -32.22
N LEU D 95 1.07 0.46 -31.03
CA LEU D 95 -0.15 1.01 -30.49
C LEU D 95 -0.71 2.17 -31.36
N ASN D 96 0.13 2.89 -32.09
CA ASN D 96 -0.34 4.05 -32.86
C ASN D 96 -0.97 3.71 -34.21
N GLN D 97 -0.66 2.53 -34.73
CA GLN D 97 -1.33 1.99 -35.91
C GLN D 97 -2.78 1.61 -35.61
N LYS E 15 21.33 16.07 20.65
CA LYS E 15 21.27 14.93 21.55
C LYS E 15 19.93 14.20 21.34
N GLN E 16 19.11 14.15 22.39
CA GLN E 16 17.73 13.73 22.25
C GLN E 16 17.08 14.77 21.35
N PHE E 17 17.63 15.98 21.38
CA PHE E 17 17.12 17.09 20.58
C PHE E 17 17.15 16.78 19.11
N GLU E 18 18.32 16.38 18.63
CA GLU E 18 18.48 16.12 17.20
C GLU E 18 17.54 15.01 16.72
N GLN E 19 17.52 13.88 17.43
CA GLN E 19 16.57 12.80 17.16
C GLN E 19 15.15 13.31 16.94
N LEU E 20 14.68 14.18 17.84
CA LEU E 20 13.31 14.67 17.76
C LEU E 20 13.12 15.56 16.52
N GLN E 21 14.06 16.48 16.31
CA GLN E 21 14.03 17.38 15.14
C GLN E 21 14.01 16.60 13.81
N ALA E 22 14.84 15.57 13.71
CA ALA E 22 14.81 14.70 12.55
C ALA E 22 13.43 14.03 12.38
N ALA E 23 12.86 13.59 13.50
CA ALA E 23 11.60 12.85 13.46
C ALA E 23 10.45 13.77 13.04
N ILE E 24 10.47 15.01 13.54
CA ILE E 24 9.46 15.96 13.13
C ILE E 24 9.55 16.23 11.63
N HIS E 25 10.77 16.48 11.15
CA HIS E 25 10.98 16.67 9.73
C HIS E 25 10.31 15.54 8.94
N THR E 26 10.64 14.32 9.29
CA THR E 26 10.04 13.15 8.65
C THR E 26 8.52 13.22 8.71
N ASP E 27 7.98 13.49 9.90
CA ASP E 27 6.52 13.49 10.02
C ASP E 27 5.83 14.59 9.19
N LEU E 28 6.42 15.78 9.10
CA LEU E 28 5.87 16.81 8.23
C LEU E 28 5.88 16.40 6.78
N GLY E 29 6.96 15.78 6.31
CA GLY E 29 6.98 15.25 4.96
C GLY E 29 5.92 14.17 4.73
N ALA E 30 5.69 13.32 5.72
CA ALA E 30 4.67 12.29 5.58
C ALA E 30 3.31 12.96 5.46
N LEU E 31 3.10 14.00 6.27
CA LEU E 31 1.86 14.74 6.16
C LEU E 31 1.66 15.44 4.81
N GLU E 32 2.69 16.14 4.31
CA GLU E 32 2.69 16.69 2.94
C GLU E 32 2.28 15.64 1.90
N LYS E 33 2.93 14.49 1.95
CA LYS E 33 2.63 13.38 1.01
C LYS E 33 1.21 12.89 1.07
N SER E 34 0.68 12.78 2.27
CA SER E 34 -0.70 12.29 2.44
C SER E 34 -1.73 13.34 1.98
N VAL E 35 -1.46 14.61 2.26
CA VAL E 35 -2.32 15.68 1.83
C VAL E 35 -2.32 15.73 0.28
N SER E 36 -1.16 15.56 -0.33
CA SER E 36 -1.04 15.60 -1.78
C SER E 36 -1.70 14.39 -2.46
N ALA E 37 -1.55 13.23 -1.85
CA ALA E 37 -2.25 12.02 -2.27
C ALA E 37 -3.77 12.19 -2.18
N LEU E 38 -4.24 12.78 -1.09
CA LEU E 38 -5.68 13.06 -0.94
C LEU E 38 -6.15 14.03 -2.03
N GLU E 39 -5.44 15.12 -2.26
CA GLU E 39 -5.77 16.06 -3.31
C GLU E 39 -5.96 15.43 -4.70
N LYS E 40 -5.02 14.58 -5.11
CA LYS E 40 -5.12 13.93 -6.45
C LYS E 40 -6.31 13.02 -6.50
N SER E 41 -6.58 12.38 -5.36
CA SER E 41 -7.67 11.41 -5.28
C SER E 41 -8.99 12.18 -5.39
N LEU E 42 -9.09 13.27 -4.63
CA LEU E 42 -10.29 14.10 -4.61
C LEU E 42 -10.57 14.74 -5.99
N THR E 43 -9.53 15.29 -6.61
CA THR E 43 -9.64 15.89 -7.91
C THR E 43 -10.02 14.83 -8.99
N SER E 44 -9.37 13.66 -8.95
CA SER E 44 -9.81 12.56 -9.79
C SER E 44 -11.31 12.15 -9.62
N LEU E 45 -11.72 11.95 -8.38
CA LEU E 45 -13.10 11.61 -8.09
C LEU E 45 -14.02 12.70 -8.65
N SER E 46 -13.63 13.96 -8.53
CA SER E 46 -14.49 15.06 -8.96
C SER E 46 -14.75 14.98 -10.47
N GLU E 47 -13.80 14.47 -11.24
CA GLU E 47 -14.02 14.32 -12.67
C GLU E 47 -15.03 13.22 -12.93
N VAL E 48 -14.97 12.13 -12.17
CA VAL E 48 -16.01 11.11 -12.22
C VAL E 48 -17.41 11.68 -11.89
N VAL E 49 -17.50 12.43 -10.79
CA VAL E 49 -18.76 13.03 -10.35
C VAL E 49 -19.36 14.00 -11.42
N LEU E 50 -18.53 14.84 -12.01
CA LEU E 50 -19.03 15.80 -13.00
C LEU E 50 -19.48 15.10 -14.31
N GLN E 51 -18.76 14.04 -14.72
CA GLN E 51 -19.19 13.21 -15.82
C GLN E 51 -20.55 12.55 -15.52
N ASN E 52 -20.71 12.02 -14.31
CA ASN E 52 -22.01 11.52 -13.82
C ASN E 52 -23.09 12.59 -13.97
N ARG E 53 -22.78 13.82 -13.52
CA ARG E 53 -23.74 14.95 -13.64
C ARG E 53 -24.11 15.19 -15.09
N ARG E 54 -23.12 15.16 -15.98
CA ARG E 54 -23.40 15.42 -17.39
C ARG E 54 -24.33 14.32 -17.92
N GLY E 55 -24.12 13.09 -17.43
CA GLY E 55 -24.97 11.96 -17.77
C GLY E 55 -26.41 12.17 -17.33
N LEU E 56 -26.60 12.72 -16.15
CA LEU E 56 -27.93 12.94 -15.61
C LEU E 56 -28.64 14.12 -16.29
N ASP E 57 -27.92 15.19 -16.67
CA ASP E 57 -28.53 16.27 -17.42
C ASP E 57 -28.99 15.77 -18.80
N LEU E 58 -28.20 14.87 -19.39
CA LEU E 58 -28.64 14.19 -20.61
C LEU E 58 -29.93 13.39 -20.37
N LEU E 59 -29.95 12.53 -19.35
CA LEU E 59 -31.14 11.70 -19.09
C LEU E 59 -32.38 12.56 -18.78
N PHE E 60 -32.16 13.70 -18.15
CA PHE E 60 -33.27 14.54 -17.75
C PHE E 60 -33.41 15.69 -18.74
N LEU E 61 -32.94 15.51 -19.98
CA LEU E 61 -32.98 16.61 -20.95
C LEU E 61 -34.38 17.27 -21.15
N LYS E 62 -35.43 16.47 -21.28
CA LYS E 62 -36.77 17.02 -21.53
C LYS E 62 -37.37 17.75 -20.33
N GLU E 63 -36.83 17.50 -19.14
CA GLU E 63 -37.35 18.10 -17.92
C GLU E 63 -36.57 19.34 -17.50
N GLY E 64 -35.58 19.72 -18.30
CA GLY E 64 -34.77 20.89 -18.00
C GLY E 64 -33.42 20.54 -17.39
N GLY E 65 -33.10 19.25 -17.32
CA GLY E 65 -31.91 18.83 -16.62
C GLY E 65 -32.17 18.32 -15.20
N LEU E 66 -31.11 17.84 -14.55
CA LEU E 66 -31.23 17.18 -13.25
C LEU E 66 -31.90 18.05 -12.20
N CYS E 67 -31.34 19.23 -11.97
CA CYS E 67 -31.86 20.10 -10.91
C CYS E 67 -33.28 20.57 -11.16
N ALA E 68 -33.56 20.91 -12.42
CA ALA E 68 -34.91 21.24 -12.84
C ALA E 68 -35.86 20.06 -12.55
N ALA E 69 -35.43 18.83 -12.85
CA ALA E 69 -36.27 17.66 -12.55
C ALA E 69 -36.51 17.46 -11.06
N LEU E 70 -35.50 17.78 -10.26
CA LEU E 70 -35.62 17.57 -8.85
C LEU E 70 -36.33 18.76 -8.21
N LYS E 71 -36.58 19.81 -8.98
CA LYS E 71 -37.00 21.09 -8.42
C LYS E 71 -36.17 21.39 -7.14
N GLU E 72 -34.86 21.47 -7.37
CA GLU E 72 -33.90 21.83 -6.32
C GLU E 72 -32.98 22.90 -6.84
N GLU E 73 -32.40 23.63 -5.89
CA GLU E 73 -31.27 24.49 -6.13
C GLU E 73 -30.08 23.65 -6.63
N CYS E 74 -29.35 24.11 -7.64
CA CYS E 74 -28.33 23.27 -8.24
C CYS E 74 -27.01 23.32 -7.48
N SER E 75 -26.55 22.16 -7.02
CA SER E 75 -25.25 22.05 -6.35
C SER E 75 -24.10 22.11 -7.39
N PHE E 76 -23.08 22.90 -7.12
CA PHE E 76 -21.88 22.90 -7.95
C PHE E 76 -20.65 22.57 -7.09
N TYR E 77 -19.62 22.05 -7.74
CA TYR E 77 -18.38 21.72 -7.04
C TYR E 77 -17.56 23.01 -6.83
N ALA E 78 -17.46 23.43 -5.57
CA ALA E 78 -16.63 24.55 -5.19
C ALA E 78 -15.26 23.98 -4.94
N ASP E 79 -14.35 24.18 -5.89
CA ASP E 79 -13.06 23.51 -5.89
C ASP E 79 -11.95 24.35 -5.26
N HIS E 80 -11.57 24.01 -4.03
CA HIS E 80 -10.50 24.74 -3.32
C HIS E 80 -9.09 24.06 -3.37
N THR E 81 -8.88 23.17 -4.34
CA THR E 81 -7.64 22.37 -4.39
C THR E 81 -6.43 23.10 -4.99
N GLY E 82 -6.67 24.20 -5.69
CA GLY E 82 -5.55 25.05 -6.09
C GLY E 82 -4.78 25.51 -4.87
N VAL E 83 -5.51 25.91 -3.82
CA VAL E 83 -4.88 26.28 -2.56
C VAL E 83 -3.99 25.14 -2.07
N VAL E 84 -4.46 23.90 -2.18
CA VAL E 84 -3.71 22.77 -1.64
C VAL E 84 -2.42 22.53 -2.43
N ARG E 85 -2.54 22.48 -3.76
CA ARG E 85 -1.39 22.22 -4.61
C ARG E 85 -0.28 23.30 -4.44
N ASP E 86 -0.67 24.56 -4.38
CA ASP E 86 0.28 25.67 -4.24
C ASP E 86 0.95 25.57 -2.86
N SER E 87 0.14 25.30 -1.86
CA SER E 87 0.64 25.24 -0.50
C SER E 87 1.57 24.04 -0.26
N MET E 88 1.20 22.88 -0.76
CA MET E 88 2.01 21.70 -0.57
C MET E 88 3.32 21.73 -1.40
N ALA E 89 3.27 22.37 -2.57
CA ALA E 89 4.50 22.54 -3.34
C ALA E 89 5.49 23.44 -2.58
N LYS E 90 5.01 24.57 -2.05
CA LYS E 90 5.85 25.43 -1.23
C LYS E 90 6.43 24.67 -0.05
N LEU E 91 5.58 23.86 0.61
CA LEU E 91 6.05 23.01 1.72
C LEU E 91 7.19 22.04 1.32
N ARG E 92 7.03 21.32 0.21
CA ARG E 92 8.07 20.42 -0.24
C ARG E 92 9.38 21.20 -0.45
N GLU E 93 9.30 22.39 -1.05
CA GLU E 93 10.48 23.21 -1.31
C GLU E 93 11.19 23.56 0.00
N ARG E 94 10.42 23.93 1.03
CA ARG E 94 10.99 24.29 2.33
C ARG E 94 11.54 23.06 3.09
N LEU E 95 10.90 21.91 2.96
CA LEU E 95 11.43 20.71 3.62
C LEU E 95 12.88 20.35 3.17
N ASN E 96 13.45 21.03 2.18
CA ASN E 96 14.92 20.93 1.96
C ASN E 96 15.79 21.72 2.98
N GLN E 97 15.15 22.26 4.01
CA GLN E 97 15.85 22.76 5.19
C GLN E 97 15.65 21.74 6.30
N ARG E 98 16.77 21.36 6.93
CA ARG E 98 16.79 20.32 7.97
C ARG E 98 17.53 20.81 9.23
N PHE F 17 -31.54 -22.82 -6.77
CA PHE F 17 -30.23 -23.17 -7.32
C PHE F 17 -29.41 -21.92 -7.60
N GLU F 18 -29.98 -21.02 -8.39
CA GLU F 18 -29.35 -19.75 -8.68
C GLU F 18 -29.18 -18.97 -7.38
N GLN F 19 -30.17 -19.10 -6.48
CA GLN F 19 -30.11 -18.46 -5.17
C GLN F 19 -28.95 -19.03 -4.34
N LEU F 20 -28.75 -20.34 -4.48
CA LEU F 20 -27.65 -20.99 -3.83
C LEU F 20 -26.35 -20.42 -4.41
N GLN F 21 -26.17 -20.50 -5.73
CA GLN F 21 -24.95 -19.99 -6.38
C GLN F 21 -24.54 -18.64 -5.77
N ALA F 22 -25.50 -17.73 -5.64
CA ALA F 22 -25.25 -16.38 -5.12
C ALA F 22 -24.87 -16.38 -3.65
N ALA F 23 -25.58 -17.15 -2.82
CA ALA F 23 -25.26 -17.23 -1.39
C ALA F 23 -23.88 -17.84 -1.15
N ILE F 24 -23.54 -18.84 -1.94
CA ILE F 24 -22.22 -19.43 -1.79
C ILE F 24 -21.16 -18.45 -2.29
N HIS F 25 -21.38 -17.86 -3.44
CA HIS F 25 -20.45 -16.85 -3.92
C HIS F 25 -20.17 -15.88 -2.77
N THR F 26 -21.23 -15.36 -2.20
CA THR F 26 -21.06 -14.37 -1.14
C THR F 26 -20.20 -14.90 0.00
N ASP F 27 -20.46 -16.12 0.40
CA ASP F 27 -19.82 -16.67 1.58
C ASP F 27 -18.36 -16.92 1.30
N LEU F 28 -18.09 -17.44 0.10
CA LEU F 28 -16.72 -17.67 -0.32
C LEU F 28 -15.91 -16.41 -0.40
N GLY F 29 -16.52 -15.33 -0.88
CA GLY F 29 -15.88 -14.04 -0.91
C GLY F 29 -15.59 -13.50 0.48
N ALA F 30 -16.50 -13.72 1.42
CA ALA F 30 -16.25 -13.21 2.76
C ALA F 30 -15.08 -14.00 3.32
N LEU F 31 -15.01 -15.27 2.93
CA LEU F 31 -13.92 -16.12 3.43
C LEU F 31 -12.57 -15.72 2.80
N GLU F 32 -12.56 -15.42 1.50
CA GLU F 32 -11.35 -14.95 0.83
C GLU F 32 -10.87 -13.70 1.52
N LYS F 33 -11.79 -12.75 1.69
CA LYS F 33 -11.47 -11.43 2.27
C LYS F 33 -10.88 -11.53 3.66
N SER F 34 -11.41 -12.44 4.46
CA SER F 34 -10.90 -12.62 5.79
C SER F 34 -9.50 -13.32 5.83
N VAL F 35 -9.31 -14.36 5.01
CA VAL F 35 -8.03 -15.06 4.98
C VAL F 35 -6.92 -14.09 4.49
N SER F 36 -7.22 -13.32 3.45
CA SER F 36 -6.31 -12.28 2.98
C SER F 36 -5.99 -11.22 4.06
N ALA F 37 -6.99 -10.79 4.82
CA ALA F 37 -6.74 -9.86 5.91
C ALA F 37 -5.90 -10.49 6.98
N LEU F 38 -6.23 -11.73 7.34
CA LEU F 38 -5.40 -12.41 8.32
C LEU F 38 -3.96 -12.50 7.84
N GLU F 39 -3.76 -12.75 6.54
CA GLU F 39 -2.41 -12.90 6.01
C GLU F 39 -1.65 -11.60 6.10
N LYS F 40 -2.29 -10.51 5.72
CA LYS F 40 -1.64 -9.20 5.83
C LYS F 40 -1.24 -8.90 7.28
N SER F 41 -2.09 -9.24 8.23
CA SER F 41 -1.80 -9.00 9.63
C SER F 41 -0.70 -9.89 10.18
N LEU F 42 -0.77 -11.17 9.84
CA LEU F 42 0.25 -12.09 10.28
C LEU F 42 1.62 -11.70 9.73
N THR F 43 1.72 -11.52 8.42
CA THR F 43 2.93 -11.04 7.80
C THR F 43 3.48 -9.72 8.41
N SER F 44 2.64 -8.69 8.49
CA SER F 44 2.97 -7.53 9.30
C SER F 44 3.49 -7.84 10.72
N LEU F 45 2.83 -8.75 11.44
CA LEU F 45 3.25 -9.08 12.80
C LEU F 45 4.63 -9.69 12.80
N SER F 46 4.86 -10.55 11.81
CA SER F 46 6.13 -11.26 11.70
C SER F 46 7.31 -10.27 11.59
N GLU F 47 7.08 -9.12 10.98
CA GLU F 47 8.18 -8.18 10.80
C GLU F 47 8.48 -7.49 12.11
N VAL F 48 7.43 -7.20 12.90
CA VAL F 48 7.62 -6.66 14.23
C VAL F 48 8.41 -7.69 15.04
N VAL F 49 8.02 -8.97 14.93
CA VAL F 49 8.67 -10.01 15.70
C VAL F 49 10.17 -10.22 15.36
N LEU F 50 10.51 -10.30 14.08
CA LEU F 50 11.91 -10.48 13.68
C LEU F 50 12.82 -9.29 14.08
N GLN F 51 12.24 -8.08 14.06
CA GLN F 51 12.98 -6.90 14.49
C GLN F 51 13.23 -6.91 16.00
N ASN F 52 12.24 -7.39 16.75
CA ASN F 52 12.37 -7.60 18.19
C ASN F 52 13.51 -8.60 18.42
N ARG F 53 13.53 -9.65 17.62
CA ARG F 53 14.63 -10.63 17.68
C ARG F 53 16.00 -10.01 17.39
N ARG F 54 16.07 -9.07 16.45
CA ARG F 54 17.36 -8.43 16.15
C ARG F 54 17.75 -7.55 17.35
N GLY F 55 16.75 -7.03 18.05
CA GLY F 55 16.99 -6.24 19.24
C GLY F 55 17.63 -7.08 20.33
N LEU F 56 17.09 -8.27 20.50
CA LEU F 56 17.58 -9.16 21.53
C LEU F 56 18.98 -9.68 21.17
N ASP F 57 19.23 -9.94 19.88
CA ASP F 57 20.56 -10.37 19.43
C ASP F 57 21.58 -9.26 19.77
N LEU F 58 21.19 -8.01 19.55
CA LEU F 58 22.02 -6.86 19.90
C LEU F 58 22.27 -6.81 21.43
N LEU F 59 21.18 -6.88 22.21
CA LEU F 59 21.27 -6.80 23.68
C LEU F 59 22.18 -7.94 24.24
N PHE F 60 22.18 -9.09 23.58
CA PHE F 60 22.98 -10.22 24.02
C PHE F 60 24.18 -10.40 23.14
N LEU F 61 24.59 -9.34 22.46
CA LEU F 61 25.73 -9.43 21.55
C LEU F 61 26.98 -10.07 22.20
N LYS F 62 27.40 -9.56 23.35
CA LYS F 62 28.57 -10.09 24.06
C LYS F 62 28.42 -11.58 24.37
N GLU F 63 27.17 -12.05 24.49
CA GLU F 63 26.90 -13.45 24.85
C GLU F 63 26.65 -14.30 23.58
N GLY F 64 26.75 -13.67 22.41
CA GLY F 64 26.64 -14.38 21.15
C GLY F 64 25.25 -14.38 20.57
N GLY F 65 24.36 -13.58 21.13
CA GLY F 65 22.98 -13.57 20.70
C GLY F 65 22.03 -14.28 21.67
N LEU F 66 20.76 -14.08 21.41
CA LEU F 66 19.65 -14.50 22.29
C LEU F 66 19.60 -16.00 22.54
N CYS F 67 19.57 -16.76 21.47
CA CYS F 67 19.56 -18.22 21.60
C CYS F 67 20.79 -18.74 22.35
N ALA F 68 22.01 -18.27 22.00
CA ALA F 68 23.22 -18.70 22.72
C ALA F 68 23.07 -18.31 24.16
N ALA F 69 22.59 -17.10 24.42
CA ALA F 69 22.46 -16.62 25.79
C ALA F 69 21.44 -17.46 26.60
N LEU F 70 20.37 -17.92 25.95
CA LEU F 70 19.31 -18.70 26.58
C LEU F 70 19.67 -20.19 26.63
N LYS F 71 20.73 -20.55 25.91
CA LYS F 71 21.15 -21.94 25.73
C LYS F 71 20.02 -22.88 25.28
N GLU F 72 19.28 -22.42 24.28
CA GLU F 72 18.14 -23.12 23.72
C GLU F 72 18.37 -23.34 22.24
N GLU F 73 17.69 -24.32 21.65
CA GLU F 73 17.65 -24.43 20.20
C GLU F 73 16.94 -23.17 19.69
N CYS F 74 17.49 -22.58 18.64
CA CYS F 74 16.98 -21.30 18.15
C CYS F 74 15.73 -21.45 17.29
N SER F 75 14.61 -20.87 17.74
CA SER F 75 13.37 -20.91 16.97
C SER F 75 13.42 -19.92 15.79
N PHE F 76 12.93 -20.36 14.62
CA PHE F 76 12.92 -19.58 13.39
C PHE F 76 11.53 -19.52 12.75
N TYR F 77 11.22 -18.40 12.11
CA TYR F 77 9.90 -18.21 11.50
C TYR F 77 9.74 -18.96 10.16
N ALA F 78 9.05 -20.10 10.19
CA ALA F 78 8.67 -20.83 8.98
C ALA F 78 7.47 -20.20 8.31
N ASP F 79 7.74 -19.58 7.18
CA ASP F 79 6.79 -18.66 6.57
C ASP F 79 6.07 -19.32 5.41
N HIS F 80 4.79 -19.64 5.57
CA HIS F 80 4.04 -20.28 4.49
C HIS F 80 2.99 -19.35 3.91
N THR F 81 3.17 -18.06 4.08
CA THR F 81 2.14 -17.12 3.65
C THR F 81 2.10 -16.96 2.12
N GLY F 82 3.18 -17.35 1.45
CA GLY F 82 3.24 -17.30 0.00
C GLY F 82 2.10 -18.03 -0.66
N VAL F 83 1.82 -19.24 -0.18
CA VAL F 83 0.72 -20.02 -0.76
C VAL F 83 -0.65 -19.38 -0.51
N VAL F 84 -0.79 -18.70 0.62
CA VAL F 84 -2.03 -18.01 0.94
C VAL F 84 -2.26 -16.88 -0.10
N ARG F 85 -1.25 -16.03 -0.29
CA ARG F 85 -1.35 -14.93 -1.22
C ARG F 85 -1.62 -15.42 -2.64
N ASP F 86 -0.88 -16.44 -3.09
CA ASP F 86 -1.07 -16.97 -4.45
C ASP F 86 -2.47 -17.58 -4.60
N SER F 87 -2.86 -18.35 -3.60
CA SER F 87 -4.09 -19.13 -3.67
C SER F 87 -5.32 -18.21 -3.52
N MET F 88 -5.26 -17.21 -2.63
CA MET F 88 -6.34 -16.21 -2.56
C MET F 88 -6.43 -15.27 -3.78
N ALA F 89 -5.29 -14.87 -4.32
CA ALA F 89 -5.29 -14.11 -5.58
C ALA F 89 -6.07 -14.90 -6.63
N LYS F 90 -5.72 -16.16 -6.79
CA LYS F 90 -6.43 -17.02 -7.75
C LYS F 90 -7.93 -17.11 -7.42
N LEU F 91 -8.28 -17.18 -6.14
CA LEU F 91 -9.71 -17.31 -5.75
C LEU F 91 -10.53 -16.04 -6.07
N ARG F 92 -9.93 -14.89 -5.73
CA ARG F 92 -10.48 -13.59 -6.12
C ARG F 92 -10.87 -13.52 -7.59
N GLU F 93 -9.95 -13.95 -8.48
CA GLU F 93 -10.21 -13.87 -9.92
C GLU F 93 -11.35 -14.76 -10.35
N ARG F 94 -11.43 -15.95 -9.78
CA ARG F 94 -12.52 -16.85 -10.15
C ARG F 94 -13.85 -16.33 -9.59
N LEU F 95 -13.83 -15.77 -8.39
CA LEU F 95 -15.06 -15.19 -7.85
C LEU F 95 -15.52 -14.02 -8.75
N ASN F 96 -14.63 -13.50 -9.60
CA ASN F 96 -14.99 -12.45 -10.58
C ASN F 96 -14.92 -12.88 -12.05
N LYS G 15 12.91 22.62 29.26
CA LYS G 15 12.64 24.03 29.47
C LYS G 15 11.35 24.45 28.72
N GLN G 16 11.41 25.60 28.05
CA GLN G 16 10.41 25.93 27.03
C GLN G 16 10.36 24.80 26.00
N PHE G 17 11.48 24.10 25.86
CA PHE G 17 11.61 23.03 24.88
C PHE G 17 10.65 21.87 25.17
N GLU G 18 10.38 21.61 26.45
CA GLU G 18 9.49 20.53 26.84
C GLU G 18 8.03 20.86 26.47
N GLN G 19 7.62 22.09 26.79
CA GLN G 19 6.32 22.61 26.36
C GLN G 19 6.12 22.42 24.86
N LEU G 20 7.18 22.71 24.10
CA LEU G 20 7.09 22.68 22.65
C LEU G 20 7.10 21.25 22.10
N GLN G 21 7.85 20.32 22.70
CA GLN G 21 7.68 18.91 22.35
C GLN G 21 6.19 18.62 22.40
N ALA G 22 5.60 18.95 23.56
CA ALA G 22 4.20 18.70 23.86
C ALA G 22 3.30 19.33 22.81
N ALA G 23 3.50 20.61 22.52
CA ALA G 23 2.68 21.28 21.49
C ALA G 23 2.79 20.64 20.11
N ILE G 24 3.99 20.22 19.68
CA ILE G 24 4.16 19.70 18.34
C ILE G 24 3.52 18.30 18.25
N HIS G 25 3.66 17.53 19.31
CA HIS G 25 3.06 16.22 19.39
C HIS G 25 1.55 16.38 19.21
N THR G 26 1.02 17.36 19.93
CA THR G 26 -0.39 17.70 19.84
C THR G 26 -0.82 18.07 18.41
N ASP G 27 -0.05 18.94 17.76
CA ASP G 27 -0.42 19.45 16.46
C ASP G 27 -0.28 18.40 15.38
N LEU G 28 0.78 17.60 15.47
CA LEU G 28 0.97 16.52 14.51
C LEU G 28 -0.13 15.48 14.71
N GLY G 29 -0.50 15.23 15.95
CA GLY G 29 -1.55 14.28 16.21
C GLY G 29 -2.86 14.80 15.68
N ALA G 30 -3.09 16.10 15.82
CA ALA G 30 -4.31 16.66 15.29
C ALA G 30 -4.36 16.61 13.76
N LEU G 31 -3.22 16.87 13.11
CA LEU G 31 -3.21 16.81 11.68
C LEU G 31 -3.37 15.36 11.21
N GLU G 32 -2.73 14.42 11.91
CA GLU G 32 -2.89 12.98 11.60
C GLU G 32 -4.37 12.57 11.63
N LYS G 33 -5.08 12.98 12.70
CA LYS G 33 -6.47 12.59 12.91
C LYS G 33 -7.35 13.22 11.84
N SER G 34 -6.95 14.40 11.42
CA SER G 34 -7.73 15.10 10.45
C SER G 34 -7.48 14.52 9.07
N VAL G 35 -6.23 14.17 8.76
CA VAL G 35 -5.98 13.55 7.48
C VAL G 35 -6.74 12.22 7.41
N SER G 36 -6.76 11.44 8.50
CA SER G 36 -7.44 10.14 8.48
C SER G 36 -8.94 10.30 8.34
N ALA G 37 -9.52 11.26 9.07
CA ALA G 37 -10.98 11.51 8.95
C ALA G 37 -11.37 11.84 7.52
N LEU G 38 -10.61 12.74 6.87
CA LEU G 38 -10.80 13.06 5.46
C LEU G 38 -10.62 11.83 4.55
N GLU G 39 -9.57 11.05 4.78
CA GLU G 39 -9.41 9.82 4.01
C GLU G 39 -10.69 8.95 4.12
N LYS G 40 -11.22 8.76 5.33
CA LYS G 40 -12.33 7.84 5.52
C LYS G 40 -13.54 8.42 4.81
N SER G 41 -13.70 9.73 4.90
CA SER G 41 -14.82 10.37 4.25
C SER G 41 -14.73 10.30 2.71
N LEU G 42 -13.52 10.46 2.18
CA LEU G 42 -13.34 10.45 0.74
C LEU G 42 -13.58 9.03 0.21
N THR G 43 -12.92 8.06 0.82
CA THR G 43 -13.20 6.68 0.46
C THR G 43 -14.73 6.38 0.51
N SER G 44 -15.41 6.77 1.58
CA SER G 44 -16.83 6.48 1.66
C SER G 44 -17.57 7.21 0.52
N LEU G 45 -17.33 8.51 0.34
CA LEU G 45 -17.94 9.22 -0.78
C LEU G 45 -17.67 8.48 -2.11
N SER G 46 -16.46 7.97 -2.33
CA SER G 46 -16.19 7.33 -3.60
C SER G 46 -17.05 6.09 -3.85
N GLU G 47 -17.56 5.48 -2.79
CA GLU G 47 -18.33 4.29 -2.94
C GLU G 47 -19.70 4.67 -3.45
N VAL G 48 -20.19 5.79 -2.92
CA VAL G 48 -21.40 6.35 -3.41
C VAL G 48 -21.24 6.71 -4.89
N VAL G 49 -20.16 7.43 -5.21
CA VAL G 49 -19.93 7.89 -6.57
C VAL G 49 -19.84 6.70 -7.53
N LEU G 50 -19.10 5.67 -7.19
CA LEU G 50 -18.99 4.53 -8.13
C LEU G 50 -20.29 3.72 -8.29
N GLN G 51 -21.09 3.63 -7.23
CA GLN G 51 -22.41 3.03 -7.31
C GLN G 51 -23.32 3.92 -8.20
N ASN G 52 -23.17 5.24 -8.10
CA ASN G 52 -23.88 6.12 -9.01
C ASN G 52 -23.50 5.79 -10.45
N ARG G 53 -22.21 5.56 -10.68
CA ARG G 53 -21.65 5.30 -12.00
C ARG G 53 -22.23 4.02 -12.61
N ARG G 54 -22.28 2.97 -11.81
CA ARG G 54 -22.87 1.72 -12.24
C ARG G 54 -24.34 1.96 -12.59
N GLY G 55 -25.01 2.79 -11.80
CA GLY G 55 -26.38 3.18 -12.11
C GLY G 55 -26.51 3.83 -13.48
N LEU G 56 -25.63 4.78 -13.77
CA LEU G 56 -25.65 5.40 -15.09
C LEU G 56 -25.24 4.43 -16.19
N ASP G 57 -24.33 3.50 -15.91
CA ASP G 57 -23.92 2.52 -16.95
C ASP G 57 -25.06 1.61 -17.33
N LEU G 58 -25.88 1.23 -16.33
CA LEU G 58 -27.12 0.51 -16.55
C LEU G 58 -28.13 1.31 -17.36
N LEU G 59 -28.33 2.57 -16.98
CA LEU G 59 -29.27 3.40 -17.69
C LEU G 59 -28.91 3.59 -19.16
N PHE G 60 -27.61 3.66 -19.48
CA PHE G 60 -27.13 3.86 -20.84
C PHE G 60 -26.58 2.57 -21.45
N LEU G 61 -27.05 1.43 -20.94
CA LEU G 61 -26.59 0.13 -21.35
C LEU G 61 -26.65 -0.04 -22.88
N LYS G 62 -27.79 0.30 -23.49
CA LYS G 62 -27.99 0.20 -24.93
C LYS G 62 -27.07 1.09 -25.78
N GLU G 63 -26.51 2.15 -25.20
CA GLU G 63 -25.62 3.06 -25.91
C GLU G 63 -24.15 2.72 -25.67
N GLY G 64 -23.92 1.68 -24.87
CA GLY G 64 -22.58 1.22 -24.61
C GLY G 64 -22.03 1.80 -23.36
N GLY G 65 -22.89 2.44 -22.56
CA GLY G 65 -22.48 3.02 -21.30
C GLY G 65 -22.52 4.54 -21.27
N LEU G 66 -22.22 5.08 -20.09
CA LEU G 66 -22.28 6.50 -19.87
C LEU G 66 -21.32 7.23 -20.82
N CYS G 67 -20.09 6.78 -20.83
CA CYS G 67 -19.03 7.55 -21.49
C CYS G 67 -19.27 7.53 -22.99
N ALA G 68 -19.77 6.40 -23.49
CA ALA G 68 -20.17 6.26 -24.87
C ALA G 68 -21.30 7.19 -25.28
N ALA G 69 -22.34 7.27 -24.45
CA ALA G 69 -23.48 8.10 -24.71
C ALA G 69 -23.09 9.58 -24.71
N LEU G 70 -22.10 9.94 -23.88
CA LEU G 70 -21.65 11.32 -23.72
C LEU G 70 -20.68 11.65 -24.83
N LYS G 71 -20.13 10.59 -25.45
CA LYS G 71 -19.10 10.75 -26.45
C LYS G 71 -17.87 11.45 -25.84
N GLU G 72 -17.43 10.84 -24.74
CA GLU G 72 -16.37 11.38 -23.90
C GLU G 72 -15.40 10.29 -23.50
N GLU G 73 -14.13 10.67 -23.43
CA GLU G 73 -13.13 9.90 -22.73
C GLU G 73 -13.62 9.60 -21.31
N CYS G 74 -13.42 8.37 -20.88
CA CYS G 74 -14.05 7.92 -19.65
C CYS G 74 -13.24 8.27 -18.41
N SER G 75 -13.84 8.99 -17.44
CA SER G 75 -13.15 9.35 -16.17
C SER G 75 -13.19 8.20 -15.17
N PHE G 76 -12.04 7.89 -14.59
CA PHE G 76 -11.91 6.85 -13.57
C PHE G 76 -11.26 7.37 -12.32
N TYR G 77 -11.70 6.84 -11.18
CA TYR G 77 -11.19 7.28 -9.89
C TYR G 77 -9.74 6.80 -9.64
N ALA G 78 -8.79 7.73 -9.78
CA ALA G 78 -7.41 7.48 -9.37
C ALA G 78 -7.26 7.54 -7.85
N ASP G 79 -7.45 6.40 -7.22
CA ASP G 79 -7.43 6.28 -5.78
C ASP G 79 -6.04 6.09 -5.16
N HIS G 80 -5.52 7.12 -4.50
CA HIS G 80 -4.21 7.01 -3.82
C HIS G 80 -4.40 6.91 -2.32
N THR G 81 -5.58 6.53 -1.86
CA THR G 81 -5.84 6.61 -0.42
C THR G 81 -5.10 5.50 0.32
N GLY G 82 -4.63 4.49 -0.42
CA GLY G 82 -3.85 3.42 0.20
C GLY G 82 -2.56 3.97 0.80
N VAL G 83 -1.84 4.81 0.05
CA VAL G 83 -0.68 5.49 0.57
C VAL G 83 -1.07 6.27 1.83
N VAL G 84 -2.19 6.96 1.76
CA VAL G 84 -2.60 7.78 2.89
C VAL G 84 -2.87 6.90 4.13
N ARG G 85 -3.59 5.80 3.96
CA ARG G 85 -3.95 4.98 5.12
C ARG G 85 -2.65 4.43 5.75
N ASP G 86 -1.70 4.05 4.90
CA ASP G 86 -0.42 3.49 5.37
C ASP G 86 0.42 4.50 6.13
N SER G 87 0.62 5.65 5.51
CA SER G 87 1.48 6.68 6.06
C SER G 87 0.92 7.19 7.40
N MET G 88 -0.39 7.36 7.50
CA MET G 88 -1.03 7.84 8.75
C MET G 88 -1.05 6.82 9.88
N ALA G 89 -1.20 5.55 9.55
CA ALA G 89 -1.01 4.53 10.55
C ALA G 89 0.45 4.60 11.07
N LYS G 90 1.39 4.74 10.16
CA LYS G 90 2.77 4.84 10.57
C LYS G 90 2.91 6.06 11.48
N LEU G 91 2.27 7.16 11.10
CA LEU G 91 2.44 8.39 11.86
C LEU G 91 1.85 8.21 13.28
N ARG G 92 0.69 7.58 13.40
CA ARG G 92 0.12 7.33 14.75
C ARG G 92 1.10 6.51 15.57
N GLU G 93 1.63 5.45 14.95
CA GLU G 93 2.58 4.58 15.64
C GLU G 93 3.75 5.40 16.19
N ARG G 94 4.31 6.25 15.35
CA ARG G 94 5.46 7.06 15.75
C ARG G 94 5.11 8.04 16.88
N LEU G 95 3.97 8.72 16.76
CA LEU G 95 3.53 9.65 17.77
C LEU G 95 3.46 8.88 19.09
N ASN G 96 2.82 7.71 19.05
CA ASN G 96 2.58 6.95 20.27
C ASN G 96 3.91 6.50 20.87
N GLN G 97 4.80 6.02 19.99
CA GLN G 97 6.08 5.53 20.44
C GLN G 97 6.92 6.65 21.06
N ARG G 98 6.87 7.85 20.47
CA ARG G 98 7.65 8.97 20.99
C ARG G 98 7.09 9.46 22.33
N GLN G 99 5.78 9.56 22.46
CA GLN G 99 5.15 9.99 23.72
C GLN G 99 5.36 8.93 24.79
N ARG G 100 5.43 7.66 24.40
CA ARG G 100 5.72 6.55 25.32
C ARG G 100 7.16 6.62 25.88
N LEU G 101 8.12 6.82 25.00
CA LEU G 101 9.52 6.99 25.42
C LEU G 101 9.73 8.24 26.27
N PHE G 102 9.15 9.37 25.85
CA PHE G 102 9.24 10.60 26.62
C PHE G 102 8.70 10.43 28.06
N GLU G 103 7.52 9.81 28.18
CA GLU G 103 6.91 9.51 29.48
C GLU G 103 7.76 8.54 30.31
N SER G 104 8.47 7.64 29.63
CA SER G 104 9.47 6.79 30.26
C SER G 104 10.73 7.64 30.59
N ALA H 13 -17.51 -17.17 -31.09
CA ALA H 13 -17.98 -17.94 -29.93
C ALA H 13 -17.59 -17.28 -28.61
N THR H 14 -18.58 -16.84 -27.84
CA THR H 14 -18.29 -16.05 -26.65
C THR H 14 -17.46 -16.76 -25.57
N LYS H 15 -17.55 -18.09 -25.48
CA LYS H 15 -16.75 -18.80 -24.49
C LYS H 15 -15.27 -18.50 -24.67
N GLN H 16 -14.78 -18.66 -25.91
CA GLN H 16 -13.38 -18.38 -26.24
C GLN H 16 -13.03 -16.91 -26.11
N PHE H 17 -14.05 -16.07 -26.30
CA PHE H 17 -13.92 -14.63 -26.11
C PHE H 17 -13.80 -14.23 -24.63
N GLU H 18 -14.59 -14.88 -23.78
CA GLU H 18 -14.57 -14.61 -22.36
C GLU H 18 -13.27 -15.16 -21.76
N GLN H 19 -12.88 -16.35 -22.21
CA GLN H 19 -11.57 -16.90 -21.81
C GLN H 19 -10.47 -15.89 -22.08
N LEU H 20 -10.48 -15.30 -23.27
CA LEU H 20 -9.43 -14.38 -23.68
C LEU H 20 -9.47 -13.14 -22.80
N GLN H 21 -10.67 -12.66 -22.53
CA GLN H 21 -10.85 -11.47 -21.73
C GLN H 21 -10.30 -11.68 -20.32
N ALA H 22 -10.63 -12.84 -19.74
CA ALA H 22 -10.22 -13.18 -18.37
C ALA H 22 -8.70 -13.34 -18.22
N ALA H 23 -8.05 -13.94 -19.23
CA ALA H 23 -6.61 -14.15 -19.18
C ALA H 23 -5.87 -12.84 -19.38
N ILE H 24 -6.40 -11.99 -20.24
CA ILE H 24 -5.77 -10.70 -20.43
C ILE H 24 -5.92 -9.83 -19.18
N HIS H 25 -7.12 -9.88 -18.59
CA HIS H 25 -7.35 -9.22 -17.31
C HIS H 25 -6.29 -9.61 -16.26
N THR H 26 -6.14 -10.90 -16.01
CA THR H 26 -5.09 -11.38 -15.11
C THR H 26 -3.70 -10.84 -15.49
N ASP H 27 -3.35 -10.88 -16.76
CA ASP H 27 -2.01 -10.46 -17.13
C ASP H 27 -1.79 -8.96 -16.97
N LEU H 28 -2.80 -8.16 -17.29
CA LEU H 28 -2.68 -6.68 -17.15
C LEU H 28 -2.62 -6.31 -15.68
N GLY H 29 -3.28 -7.10 -14.82
CA GLY H 29 -3.17 -6.96 -13.38
C GLY H 29 -1.79 -7.26 -12.83
N ALA H 30 -1.19 -8.35 -13.33
CA ALA H 30 0.19 -8.70 -12.93
C ALA H 30 1.13 -7.58 -13.28
N LEU H 31 0.94 -7.03 -14.48
CA LEU H 31 1.81 -5.98 -14.98
C LEU H 31 1.63 -4.69 -14.18
N GLU H 32 0.39 -4.29 -13.91
CA GLU H 32 0.11 -3.14 -13.03
C GLU H 32 0.79 -3.33 -11.69
N LYS H 33 0.56 -4.50 -11.14
CA LYS H 33 1.03 -4.82 -9.80
C LYS H 33 2.55 -4.71 -9.76
N SER H 34 3.19 -5.14 -10.83
CA SER H 34 4.64 -5.14 -10.84
C SER H 34 5.19 -3.75 -11.10
N VAL H 35 4.56 -3.00 -11.99
CA VAL H 35 4.98 -1.63 -12.26
C VAL H 35 4.89 -0.78 -10.96
N SER H 36 3.84 -0.96 -10.20
CA SER H 36 3.68 -0.23 -8.93
C SER H 36 4.69 -0.59 -7.87
N ALA H 37 5.03 -1.87 -7.75
CA ALA H 37 6.05 -2.31 -6.85
C ALA H 37 7.42 -1.79 -7.28
N LEU H 38 7.73 -1.85 -8.57
CA LEU H 38 8.90 -1.19 -9.06
C LEU H 38 8.93 0.30 -8.68
N GLU H 39 7.86 1.03 -8.95
CA GLU H 39 7.77 2.43 -8.56
C GLU H 39 8.10 2.67 -7.07
N LYS H 40 7.45 1.91 -6.18
CA LYS H 40 7.69 2.03 -4.74
C LYS H 40 9.16 1.84 -4.43
N SER H 41 9.78 0.84 -5.07
CA SER H 41 11.20 0.52 -4.81
C SER H 41 12.14 1.59 -5.35
N LEU H 42 11.88 2.05 -6.56
CA LEU H 42 12.67 3.12 -7.10
C LEU H 42 12.57 4.42 -6.27
N THR H 43 11.38 4.82 -5.88
CA THR H 43 11.21 6.04 -5.10
C THR H 43 11.97 5.91 -3.77
N SER H 44 11.78 4.77 -3.12
CA SER H 44 12.51 4.44 -1.90
C SER H 44 13.99 4.56 -2.13
N LEU H 45 14.52 3.86 -3.15
CA LEU H 45 15.94 3.89 -3.41
C LEU H 45 16.42 5.32 -3.67
N SER H 46 15.58 6.13 -4.30
CA SER H 46 16.01 7.48 -4.64
C SER H 46 16.29 8.26 -3.35
N GLU H 47 15.56 7.96 -2.29
CA GLU H 47 15.74 8.73 -1.07
C GLU H 47 17.06 8.35 -0.40
N VAL H 48 17.44 7.08 -0.51
CA VAL H 48 18.69 6.61 0.04
C VAL H 48 19.85 7.26 -0.74
N VAL H 49 19.76 7.21 -2.04
CA VAL H 49 20.74 7.81 -2.93
C VAL H 49 20.94 9.31 -2.65
N LEU H 50 19.86 10.07 -2.53
CA LEU H 50 19.98 11.52 -2.29
C LEU H 50 20.52 11.82 -0.92
N GLN H 51 20.16 10.99 0.06
CA GLN H 51 20.74 11.16 1.38
C GLN H 51 22.25 10.90 1.35
N ASN H 52 22.68 9.88 0.60
CA ASN H 52 24.11 9.61 0.35
C ASN H 52 24.73 10.88 -0.29
N ARG H 53 23.98 11.46 -1.24
CA ARG H 53 24.49 12.68 -1.90
C ARG H 53 24.75 13.78 -0.86
N ARG H 54 23.80 13.97 0.06
CA ARG H 54 23.98 14.96 1.13
C ARG H 54 25.18 14.65 2.01
N GLY H 55 25.40 13.35 2.25
CA GLY H 55 26.59 12.93 2.96
C GLY H 55 27.87 13.36 2.28
N LEU H 56 27.94 13.09 0.98
CA LEU H 56 29.10 13.43 0.17
C LEU H 56 29.29 14.96 0.12
N ASP H 57 28.21 15.71 0.01
CA ASP H 57 28.30 17.17 0.05
C ASP H 57 28.95 17.64 1.37
N LEU H 58 28.58 16.98 2.48
CA LEU H 58 29.13 17.30 3.79
C LEU H 58 30.60 16.92 3.83
N LEU H 59 30.94 15.77 3.30
CA LEU H 59 32.34 15.42 3.23
C LEU H 59 33.22 16.36 2.38
N PHE H 60 32.63 16.99 1.37
CA PHE H 60 33.41 17.81 0.46
C PHE H 60 33.07 19.25 0.72
N LEU H 61 32.65 19.56 1.94
CA LEU H 61 32.17 20.91 2.24
C LEU H 61 33.24 21.95 1.94
N LYS H 62 34.48 21.70 2.35
CA LYS H 62 35.57 22.65 2.08
C LYS H 62 35.82 22.84 0.57
N GLU H 63 35.40 21.92 -0.28
CA GLU H 63 35.64 22.09 -1.72
C GLU H 63 34.39 22.52 -2.47
N GLY H 64 33.34 22.89 -1.74
CA GLY H 64 32.13 23.35 -2.38
C GLY H 64 31.15 22.23 -2.64
N GLY H 65 31.44 21.03 -2.17
CA GLY H 65 30.52 19.92 -2.38
C GLY H 65 30.97 18.92 -3.42
N LEU H 66 30.17 17.87 -3.62
CA LEU H 66 30.57 16.73 -4.45
C LEU H 66 30.96 17.11 -5.87
N CYS H 67 29.98 17.61 -6.61
CA CYS H 67 30.17 17.99 -8.00
C CYS H 67 31.32 18.97 -8.14
N ALA H 68 31.33 19.99 -7.28
CA ALA H 68 32.41 20.99 -7.28
C ALA H 68 33.75 20.27 -7.20
N ALA H 69 33.88 19.36 -6.25
CA ALA H 69 35.14 18.69 -6.01
C ALA H 69 35.56 17.75 -7.14
N LEU H 70 34.61 17.05 -7.75
CA LEU H 70 34.93 16.14 -8.85
C LEU H 70 35.19 16.91 -10.16
N LYS H 71 34.98 18.23 -10.09
CA LYS H 71 34.96 19.10 -11.26
C LYS H 71 34.09 18.49 -12.38
N GLU H 72 32.83 18.15 -12.08
CA GLU H 72 31.92 17.56 -13.09
C GLU H 72 30.59 18.28 -13.19
N GLU H 73 29.94 18.10 -14.33
CA GLU H 73 28.53 18.46 -14.42
C GLU H 73 27.79 17.67 -13.34
N CYS H 74 26.84 18.31 -12.71
CA CYS H 74 26.19 17.76 -11.55
C CYS H 74 24.85 17.05 -11.83
N SER H 75 24.87 15.72 -11.75
CA SER H 75 23.72 14.88 -12.09
C SER H 75 22.66 15.02 -11.03
N PHE H 76 21.42 14.95 -11.45
CA PHE H 76 20.34 15.16 -10.54
C PHE H 76 19.32 14.09 -10.84
N TYR H 77 18.42 13.82 -9.90
CA TYR H 77 17.37 12.85 -10.09
C TYR H 77 16.13 13.44 -10.77
N ALA H 78 15.90 13.02 -12.01
CA ALA H 78 14.71 13.45 -12.76
C ALA H 78 13.61 12.49 -12.41
N ASP H 79 12.66 12.96 -11.58
CA ASP H 79 11.63 12.10 -11.00
C ASP H 79 10.37 12.10 -11.88
N HIS H 80 10.16 10.99 -12.59
CA HIS H 80 8.95 10.81 -13.39
C HIS H 80 7.91 9.85 -12.78
N THR H 81 8.01 9.58 -11.49
CA THR H 81 7.19 8.53 -10.87
C THR H 81 5.74 8.91 -10.57
N GLY H 82 5.49 10.22 -10.56
CA GLY H 82 4.16 10.73 -10.31
C GLY H 82 3.25 10.29 -11.42
N VAL H 83 3.74 10.35 -12.65
CA VAL H 83 3.00 9.81 -13.80
C VAL H 83 2.69 8.34 -13.66
N VAL H 84 3.61 7.60 -13.05
CA VAL H 84 3.44 6.16 -12.91
C VAL H 84 2.32 5.90 -11.93
N ARG H 85 2.36 6.63 -10.80
CA ARG H 85 1.41 6.41 -9.71
C ARG H 85 -0.02 6.78 -10.14
N ASP H 86 -0.18 7.85 -10.93
CA ASP H 86 -1.49 8.24 -11.45
C ASP H 86 -1.95 7.21 -12.47
N SER H 87 -1.10 6.93 -13.44
CA SER H 87 -1.49 6.05 -14.53
C SER H 87 -1.88 4.67 -13.98
N MET H 88 -1.09 4.14 -13.05
CA MET H 88 -1.36 2.82 -12.50
C MET H 88 -2.59 2.78 -11.59
N ALA H 89 -2.87 3.89 -10.90
CA ALA H 89 -4.06 3.97 -10.07
C ALA H 89 -5.31 3.90 -10.95
N LYS H 90 -5.28 4.58 -12.09
CA LYS H 90 -6.41 4.57 -13.01
C LYS H 90 -6.56 3.18 -13.62
N LEU H 91 -5.44 2.50 -13.85
CA LEU H 91 -5.47 1.14 -14.40
C LEU H 91 -6.06 0.19 -13.39
N ARG H 92 -5.64 0.31 -12.15
CA ARG H 92 -6.21 -0.56 -11.14
C ARG H 92 -7.75 -0.37 -11.13
N GLU H 93 -8.19 0.87 -11.28
CA GLU H 93 -9.62 1.17 -11.26
C GLU H 93 -10.29 0.49 -12.40
N ARG H 94 -9.77 0.70 -13.62
CA ARG H 94 -10.38 0.15 -14.82
C ARG H 94 -10.43 -1.36 -14.78
N LEU H 95 -9.47 -1.95 -14.05
CA LEU H 95 -9.42 -3.41 -13.85
C LEU H 95 -10.35 -3.93 -12.74
N ASN H 96 -10.80 -3.07 -11.83
CA ASN H 96 -11.53 -3.54 -10.66
C ASN H 96 -13.07 -3.42 -10.78
N GLN I 16 -33.54 -33.90 -3.13
CA GLN I 16 -32.60 -34.26 -4.19
C GLN I 16 -31.19 -33.73 -3.84
N PHE I 17 -30.82 -32.63 -4.49
CA PHE I 17 -29.55 -31.95 -4.24
C PHE I 17 -29.45 -31.32 -2.86
N GLU I 18 -30.49 -31.46 -2.04
CA GLU I 18 -30.43 -30.93 -0.67
C GLU I 18 -29.07 -31.33 -0.11
N GLN I 19 -28.67 -32.56 -0.41
CA GLN I 19 -27.38 -33.09 0.02
C GLN I 19 -26.26 -32.07 -0.16
N LEU I 20 -26.17 -31.47 -1.35
CA LEU I 20 -25.13 -30.50 -1.64
C LEU I 20 -25.26 -29.21 -0.80
N GLN I 21 -26.50 -28.74 -0.65
CA GLN I 21 -26.74 -27.58 0.19
C GLN I 21 -26.12 -27.82 1.57
N ALA I 22 -26.33 -29.02 2.09
CA ALA I 22 -25.97 -29.33 3.47
C ALA I 22 -24.47 -29.49 3.68
N ALA I 23 -23.83 -30.28 2.83
CA ALA I 23 -22.39 -30.48 2.88
C ALA I 23 -21.63 -29.16 2.73
N ILE I 24 -22.13 -28.26 1.88
CA ILE I 24 -21.50 -26.96 1.72
C ILE I 24 -21.69 -26.10 2.95
N HIS I 25 -22.88 -26.18 3.57
CA HIS I 25 -23.15 -25.48 4.84
C HIS I 25 -22.11 -25.92 5.89
N THR I 26 -21.88 -27.22 5.96
CA THR I 26 -20.92 -27.79 6.91
C THR I 26 -19.51 -27.23 6.67
N ASP I 27 -19.09 -27.15 5.42
CA ASP I 27 -17.71 -26.78 5.16
C ASP I 27 -17.45 -25.29 5.39
N LEU I 28 -18.42 -24.44 5.02
CA LEU I 28 -18.31 -23.00 5.22
C LEU I 28 -18.28 -22.70 6.73
N GLY I 29 -19.16 -23.35 7.48
CA GLY I 29 -19.16 -23.27 8.93
C GLY I 29 -17.84 -23.66 9.56
N ALA I 30 -17.22 -24.72 9.07
CA ALA I 30 -15.93 -25.17 9.59
C ALA I 30 -14.82 -24.14 9.23
N LEU I 31 -14.87 -23.65 8.00
CA LEU I 31 -13.93 -22.61 7.56
C LEU I 31 -14.14 -21.33 8.38
N GLU I 32 -15.38 -20.90 8.57
CA GLU I 32 -15.65 -19.77 9.47
C GLU I 32 -15.10 -19.95 10.90
N LYS I 33 -15.33 -21.12 11.49
CA LYS I 33 -14.87 -21.38 12.84
C LYS I 33 -13.35 -21.38 12.89
N SER I 34 -12.72 -21.83 11.81
CA SER I 34 -11.29 -21.94 11.80
C SER I 34 -10.64 -20.57 11.59
N VAL I 35 -11.24 -19.74 10.75
CA VAL I 35 -10.78 -18.37 10.54
C VAL I 35 -10.97 -17.57 11.83
N SER I 36 -12.10 -17.76 12.50
CA SER I 36 -12.37 -17.05 13.73
C SER I 36 -11.37 -17.44 14.80
N ALA I 37 -10.98 -18.71 14.84
CA ALA I 37 -10.07 -19.18 15.86
C ALA I 37 -8.67 -18.67 15.58
N LEU I 38 -8.30 -18.58 14.30
CA LEU I 38 -7.00 -17.98 13.95
C LEU I 38 -7.00 -16.50 14.35
N GLU I 39 -8.10 -15.80 14.07
CA GLU I 39 -8.17 -14.39 14.46
C GLU I 39 -7.93 -14.20 15.97
N LYS I 40 -8.52 -15.05 16.80
CA LYS I 40 -8.35 -14.85 18.21
C LYS I 40 -6.92 -15.12 18.62
N SER I 41 -6.32 -16.14 18.03
CA SER I 41 -4.94 -16.47 18.36
C SER I 41 -3.97 -15.38 17.89
N LEU I 42 -4.15 -14.92 16.66
CA LEU I 42 -3.32 -13.88 16.11
C LEU I 42 -3.37 -12.62 17.00
N THR I 43 -4.57 -12.18 17.29
CA THR I 43 -4.78 -11.00 18.08
C THR I 43 -4.13 -11.12 19.46
N SER I 44 -4.36 -12.25 20.13
CA SER I 44 -3.67 -12.59 21.36
C SER I 44 -2.12 -12.54 21.25
N LEU I 45 -1.56 -13.24 20.27
CA LEU I 45 -0.13 -13.26 20.04
C LEU I 45 0.36 -11.82 19.89
N SER I 46 -0.42 -11.02 19.16
CA SER I 46 -0.04 -9.61 18.89
C SER I 46 0.13 -8.82 20.19
N GLU I 47 -0.62 -9.17 21.22
CA GLU I 47 -0.51 -8.48 22.50
C GLU I 47 0.81 -8.86 23.18
N VAL I 48 1.20 -10.13 23.12
CA VAL I 48 2.49 -10.56 23.68
C VAL I 48 3.62 -9.79 22.93
N VAL I 49 3.51 -9.72 21.62
CA VAL I 49 4.51 -9.08 20.75
C VAL I 49 4.68 -7.59 21.00
N LEU I 50 3.58 -6.86 21.05
CA LEU I 50 3.66 -5.44 21.36
C LEU I 50 4.16 -5.16 22.80
N GLN I 51 3.92 -6.08 23.72
CA GLN I 51 4.45 -5.96 25.07
C GLN I 51 5.97 -6.19 25.10
N ASN I 52 6.43 -7.17 24.32
CA ASN I 52 7.83 -7.38 24.07
C ASN I 52 8.46 -6.12 23.47
N ARG I 53 7.77 -5.54 22.49
CA ARG I 53 8.25 -4.30 21.86
C ARG I 53 8.41 -3.17 22.89
N ARG I 54 7.40 -2.98 23.74
CA ARG I 54 7.48 -2.00 24.82
C ARG I 54 8.72 -2.25 25.72
N GLY I 55 8.98 -3.51 26.02
CA GLY I 55 10.16 -3.91 26.77
C GLY I 55 11.47 -3.51 26.10
N LEU I 56 11.57 -3.82 24.81
CA LEU I 56 12.73 -3.47 24.05
C LEU I 56 12.94 -1.96 23.96
N ASP I 57 11.88 -1.19 23.74
CA ASP I 57 12.02 0.27 23.66
C ASP I 57 12.53 0.81 25.01
N LEU I 58 12.00 0.27 26.10
CA LEU I 58 12.45 0.61 27.43
C LEU I 58 13.92 0.23 27.58
N LEU I 59 14.26 -0.98 27.15
CA LEU I 59 15.64 -1.43 27.27
C LEU I 59 16.61 -0.57 26.44
N PHE I 60 16.10 0.06 25.37
CA PHE I 60 16.91 0.93 24.52
C PHE I 60 16.49 2.40 24.69
N LEU I 61 15.94 2.74 25.85
CA LEU I 61 15.55 4.12 26.11
C LEU I 61 16.70 5.09 25.73
N LYS I 62 17.90 4.90 26.28
CA LYS I 62 18.99 5.86 26.03
C LYS I 62 19.28 6.16 24.56
N GLU I 63 19.16 5.16 23.70
CA GLU I 63 19.49 5.31 22.29
C GLU I 63 18.27 5.79 21.47
N GLY I 64 17.13 5.99 22.11
CA GLY I 64 15.99 6.49 21.40
C GLY I 64 15.05 5.40 20.97
N GLY I 65 15.17 4.21 21.56
CA GLY I 65 14.23 3.17 21.22
C GLY I 65 14.88 2.11 20.35
N LEU I 66 14.17 1.00 20.16
CA LEU I 66 14.68 -0.16 19.45
C LEU I 66 15.18 0.13 18.04
N CYS I 67 14.30 0.72 17.24
CA CYS I 67 14.60 0.87 15.82
C CYS I 67 15.76 1.81 15.61
N ALA I 68 15.83 2.82 16.47
CA ALA I 68 16.93 3.77 16.50
C ALA I 68 18.25 3.05 16.86
N ALA I 69 18.22 2.24 17.91
CA ALA I 69 19.39 1.42 18.27
C ALA I 69 19.79 0.44 17.13
N LEU I 70 18.81 -0.10 16.40
CA LEU I 70 19.11 -1.03 15.30
C LEU I 70 19.51 -0.32 14.01
N LYS I 71 19.26 0.99 13.96
CA LYS I 71 19.45 1.78 12.76
C LYS I 71 18.72 1.13 11.59
N GLU I 72 17.41 0.96 11.79
CA GLU I 72 16.54 0.22 10.90
C GLU I 72 15.22 0.94 10.81
N GLU I 73 14.54 0.74 9.69
CA GLU I 73 13.18 1.20 9.49
C GLU I 73 12.32 0.48 10.52
N CYS I 74 11.37 1.17 11.13
CA CYS I 74 10.65 0.63 12.27
C CYS I 74 9.41 -0.14 11.82
N SER I 75 9.31 -1.42 12.18
CA SER I 75 8.10 -2.20 11.88
C SER I 75 7.06 -2.05 12.97
N PHE I 76 5.83 -1.76 12.53
CA PHE I 76 4.66 -1.71 13.41
C PHE I 76 3.62 -2.72 12.91
N TYR I 77 2.71 -3.10 13.81
CA TYR I 77 1.74 -4.14 13.50
C TYR I 77 0.56 -3.51 12.75
N ALA I 78 0.38 -3.85 11.48
CA ALA I 78 -0.78 -3.37 10.73
C ALA I 78 -1.88 -4.37 10.99
N ASP I 79 -2.80 -3.99 11.88
CA ASP I 79 -3.84 -4.89 12.35
C ASP I 79 -5.09 -4.80 11.50
N HIS I 80 -5.41 -5.89 10.77
CA HIS I 80 -6.60 -5.92 9.92
C HIS I 80 -7.58 -6.91 10.49
N THR I 81 -7.43 -7.27 11.76
CA THR I 81 -8.29 -8.31 12.32
C THR I 81 -9.78 -7.82 12.50
N GLY I 82 -10.02 -6.52 12.49
CA GLY I 82 -11.38 -6.03 12.67
C GLY I 82 -12.25 -6.47 11.49
N VAL I 83 -11.64 -6.43 10.32
CA VAL I 83 -12.26 -6.88 9.08
C VAL I 83 -12.64 -8.36 9.13
N VAL I 84 -11.78 -9.18 9.75
CA VAL I 84 -12.06 -10.60 9.90
C VAL I 84 -13.24 -10.82 10.86
N ARG I 85 -13.25 -10.09 11.99
CA ARG I 85 -14.24 -10.31 13.02
C ARG I 85 -15.60 -9.91 12.48
N ASP I 86 -15.63 -8.82 11.73
CA ASP I 86 -16.87 -8.35 11.16
C ASP I 86 -17.37 -9.33 10.12
N SER I 87 -16.51 -9.64 9.17
CA SER I 87 -16.86 -10.49 8.06
C SER I 87 -17.34 -11.86 8.56
N MET I 88 -16.65 -12.42 9.55
CA MET I 88 -17.02 -13.74 10.08
C MET I 88 -18.31 -13.73 10.91
N ALA I 89 -18.48 -12.73 11.78
CA ALA I 89 -19.72 -12.60 12.54
C ALA I 89 -20.90 -12.60 11.57
N LYS I 90 -20.73 -11.95 10.43
CA LYS I 90 -21.80 -11.84 9.45
C LYS I 90 -22.04 -13.15 8.73
N LEU I 91 -20.95 -13.87 8.47
CA LEU I 91 -21.00 -15.17 7.87
C LEU I 91 -21.82 -16.10 8.74
N ARG I 92 -21.49 -16.18 10.03
CA ARG I 92 -22.17 -17.15 10.87
C ARG I 92 -23.66 -16.80 11.12
N GLU I 93 -24.02 -15.52 11.02
CA GLU I 93 -25.44 -15.19 11.10
C GLU I 93 -26.17 -15.65 9.85
N ARG I 94 -25.48 -15.67 8.70
CA ARG I 94 -26.12 -16.15 7.47
C ARG I 94 -26.17 -17.67 7.52
N LEU I 95 -25.11 -18.29 8.01
CA LEU I 95 -25.09 -19.73 8.09
C LEU I 95 -26.25 -20.21 8.96
N ASN I 96 -26.56 -19.50 10.03
CA ASN I 96 -27.71 -19.83 10.87
C ASN I 96 -29.05 -19.41 10.26
N GLN I 97 -29.26 -19.74 8.99
CA GLN I 97 -30.53 -19.57 8.28
C GLN I 97 -30.63 -20.54 7.09
#